data_2X0E
#
_entry.id   2X0E
#
_cell.length_a   75.820
_cell.length_b   75.560
_cell.length_c   77.710
_cell.angle_alpha   90.00
_cell.angle_beta   103.05
_cell.angle_gamma   90.00
#
_symmetry.space_group_name_H-M   'P 1 21 1'
#
loop_
_entity.id
_entity.type
_entity.pdbx_description
1 polymer WSAF
2 non-polymer "THYMIDINE-5'-DIPHOSPHATE"
3 non-polymer GLYCEROL
4 water water
#
_entity_poly.entity_id   1
_entity_poly.type   'polypeptide(L)'
_entity_poly.pdbx_seq_one_letter_code
;MLQKLIQILRRNEYVKNVYKNTVSNFIETSIPEITPFNARTSSIKGKRLNLLVPSINQEHMFGGISTALKLFEQFDNAAF
AKRIILTDATPNPKDLQSFKSFKYVMPEEDKDFALQIVPFNDRYNRTIPVAKHDIFIATAWWTAYAAQRIVSWQSDTYGI
PPNKILYIIQDFEPGFYQWSSQYVLAESTYKYRGPQIAVFNSELLKQYFNNKGYNFTDEYFFQPKINTTLKNYINDKRQK
EKIILVYGRPSVKRNAFTLIVEALKIFVQKYDRSNEWKIISVGEKHKDIALGKGIHLNSLGKLTLEDYADLLKRSSIGIS
LMISPHPSYPPLEMAHFGLRVITNKYENKDLSNWHSNIVSLEQLNPENIAETLVELCMSFNNRDVDKKESSNMMFYINEF
NEFSFIKEIEEKL
;
_entity_poly.pdbx_strand_id   A,B
#
loop_
_chem_comp.id
_chem_comp.type
_chem_comp.name
_chem_comp.formula
GOL non-polymer GLYCEROL 'C3 H8 O3'
TYD non-polymer THYMIDINE-5'-DIPHOSPHATE 'C10 H16 N2 O11 P2'
#
# COMPACT_ATOMS: atom_id res chain seq x y z
N GLU A 28 -0.87 -19.66 -1.09
CA GLU A 28 -1.52 -19.11 -2.27
C GLU A 28 -0.60 -19.23 -3.48
N THR A 29 -1.06 -19.97 -4.48
CA THR A 29 -0.27 -20.24 -5.68
C THR A 29 -0.66 -19.32 -6.82
N SER A 30 -1.95 -19.14 -7.02
CA SER A 30 -2.45 -18.31 -8.10
C SER A 30 -2.81 -16.92 -7.59
N ILE A 31 -3.34 -16.11 -8.49
CA ILE A 31 -3.86 -14.79 -8.13
C ILE A 31 -5.31 -14.73 -8.60
N PRO A 32 -6.25 -14.88 -7.66
CA PRO A 32 -7.68 -15.06 -7.92
C PRO A 32 -8.27 -13.93 -8.74
N GLU A 33 -7.84 -12.70 -8.50
CA GLU A 33 -8.37 -11.53 -9.19
C GLU A 33 -8.25 -11.65 -10.71
N ILE A 34 -7.28 -12.44 -11.16
CA ILE A 34 -6.99 -12.54 -12.58
C ILE A 34 -7.25 -13.93 -13.16
N THR A 35 -8.17 -14.67 -12.54
CA THR A 35 -8.69 -15.88 -13.14
C THR A 35 -9.07 -15.58 -14.58
N PRO A 36 -8.66 -16.46 -15.52
CA PRO A 36 -8.87 -16.20 -16.95
C PRO A 36 -10.31 -15.86 -17.29
N PHE A 37 -10.47 -14.90 -18.21
CA PHE A 37 -11.78 -14.45 -18.64
C PHE A 37 -12.05 -14.92 -20.07
N ASN A 38 -12.52 -16.15 -20.21
CA ASN A 38 -12.65 -16.77 -21.52
C ASN A 38 -13.82 -16.27 -22.36
N ALA A 39 -13.52 -15.80 -23.56
CA ALA A 39 -14.54 -15.33 -24.48
C ALA A 39 -14.70 -16.29 -25.65
N ARG A 40 -15.75 -16.09 -26.43
CA ARG A 40 -15.99 -16.88 -27.63
C ARG A 40 -16.78 -16.03 -28.61
N THR A 41 -16.81 -16.46 -29.86
CA THR A 41 -17.47 -15.71 -30.91
C THR A 41 -18.97 -15.51 -30.64
N SER A 42 -19.50 -14.40 -31.12
CA SER A 42 -20.93 -14.13 -31.07
C SER A 42 -21.37 -13.58 -32.42
N SER A 43 -22.64 -13.76 -32.77
CA SER A 43 -23.13 -13.33 -34.07
C SER A 43 -23.63 -11.88 -34.07
N ILE A 44 -23.78 -11.30 -32.88
CA ILE A 44 -24.25 -9.93 -32.74
C ILE A 44 -23.47 -8.98 -33.65
N LYS A 45 -24.18 -8.28 -34.53
CA LYS A 45 -23.54 -7.38 -35.48
C LYS A 45 -23.51 -5.94 -34.97
N GLY A 46 -24.50 -5.59 -34.14
CA GLY A 46 -24.59 -4.24 -33.62
C GLY A 46 -23.55 -3.94 -32.55
N LYS A 47 -23.51 -2.68 -32.11
CA LYS A 47 -22.65 -2.28 -31.00
C LYS A 47 -23.29 -2.69 -29.69
N ARG A 48 -22.47 -2.92 -28.67
CA ARG A 48 -22.98 -3.30 -27.36
C ARG A 48 -22.03 -2.91 -26.22
N LEU A 49 -22.51 -2.06 -25.33
CA LEU A 49 -21.75 -1.66 -24.15
C LEU A 49 -21.82 -2.73 -23.06
N ASN A 50 -20.65 -3.13 -22.57
CA ASN A 50 -20.59 -4.17 -21.56
C ASN A 50 -19.98 -3.65 -20.27
N LEU A 51 -20.79 -3.61 -19.22
CA LEU A 51 -20.34 -3.11 -17.93
C LEU A 51 -19.84 -4.26 -17.06
N LEU A 52 -18.55 -4.24 -16.76
CA LEU A 52 -17.97 -5.25 -15.91
C LEU A 52 -17.96 -4.77 -14.47
N VAL A 53 -18.82 -5.36 -13.64
CA VAL A 53 -18.83 -5.06 -12.22
C VAL A 53 -18.76 -6.35 -11.41
N PRO A 54 -18.09 -6.29 -10.25
CA PRO A 54 -17.93 -7.47 -9.40
C PRO A 54 -19.26 -8.02 -8.91
N SER A 55 -20.21 -7.14 -8.60
CA SER A 55 -21.46 -7.55 -8.00
C SER A 55 -22.55 -6.49 -8.15
N ILE A 56 -23.80 -6.92 -8.16
CA ILE A 56 -24.94 -6.01 -8.12
C ILE A 56 -25.85 -6.31 -6.94
N ASN A 57 -25.35 -7.09 -6.00
CA ASN A 57 -26.09 -7.43 -4.79
C ASN A 57 -26.20 -6.22 -3.86
N GLN A 58 -27.38 -6.02 -3.27
CA GLN A 58 -27.59 -4.89 -2.37
C GLN A 58 -26.62 -4.93 -1.19
N GLU A 59 -26.17 -6.13 -0.84
CA GLU A 59 -25.18 -6.31 0.21
C GLU A 59 -23.83 -5.73 -0.21
N HIS A 60 -23.42 -6.03 -1.43
CA HIS A 60 -22.16 -5.53 -1.98
C HIS A 60 -22.32 -4.14 -2.59
N MET A 61 -23.53 -3.62 -2.56
CA MET A 61 -23.84 -2.38 -3.28
C MET A 61 -23.24 -1.13 -2.63
N PHE A 62 -21.92 -0.98 -2.75
CA PHE A 62 -21.26 0.22 -2.26
C PHE A 62 -21.18 1.32 -3.33
N GLY A 63 -20.62 2.45 -2.96
CA GLY A 63 -20.62 3.63 -3.83
C GLY A 63 -19.99 3.48 -5.19
N GLY A 64 -18.94 2.67 -5.28
CA GLY A 64 -18.21 2.48 -6.53
C GLY A 64 -19.07 1.88 -7.63
N ILE A 65 -19.69 0.75 -7.33
CA ILE A 65 -20.55 0.07 -8.29
C ILE A 65 -21.85 0.85 -8.57
N SER A 66 -22.40 1.50 -7.55
CA SER A 66 -23.62 2.27 -7.73
C SER A 66 -23.37 3.49 -8.60
N THR A 67 -22.19 4.09 -8.46
CA THR A 67 -21.81 5.22 -9.29
C THR A 67 -21.64 4.75 -10.73
N ALA A 68 -20.96 3.62 -10.89
CA ALA A 68 -20.75 3.04 -12.21
C ALA A 68 -22.10 2.81 -12.87
N LEU A 69 -23.00 2.14 -12.15
CA LEU A 69 -24.34 1.85 -12.66
C LEU A 69 -25.08 3.12 -13.06
N LYS A 70 -24.95 4.16 -12.24
CA LYS A 70 -25.55 5.45 -12.53
C LYS A 70 -25.01 5.98 -13.85
N LEU A 71 -23.68 5.97 -13.98
CA LEU A 71 -23.00 6.44 -15.18
C LEU A 71 -23.41 5.61 -16.39
N PHE A 72 -23.42 4.29 -16.22
CA PHE A 72 -23.78 3.36 -17.29
C PHE A 72 -25.18 3.65 -17.80
N GLU A 73 -26.05 4.09 -16.89
CA GLU A 73 -27.44 4.36 -17.23
C GLU A 73 -27.56 5.52 -18.21
N GLN A 74 -26.55 6.39 -18.23
CA GLN A 74 -26.57 7.59 -19.06
C GLN A 74 -26.40 7.32 -20.56
N PHE A 75 -25.94 6.14 -20.92
CA PHE A 75 -25.68 5.84 -22.33
C PHE A 75 -26.96 5.59 -23.11
N ASP A 76 -27.12 6.30 -24.22
CA ASP A 76 -28.29 6.17 -25.09
C ASP A 76 -28.59 4.70 -25.34
N ASN A 77 -29.56 4.18 -24.61
CA ASN A 77 -29.95 2.77 -24.68
C ASN A 77 -30.47 2.39 -26.07
N ALA A 78 -30.70 3.40 -26.90
CA ALA A 78 -31.23 3.17 -28.24
C ALA A 78 -30.10 3.08 -29.26
N ALA A 79 -28.93 3.56 -28.89
CA ALA A 79 -27.76 3.53 -29.77
C ALA A 79 -26.83 2.37 -29.42
N PHE A 80 -27.01 1.82 -28.23
CA PHE A 80 -26.19 0.70 -27.78
C PHE A 80 -27.03 -0.34 -27.03
N ALA A 81 -26.75 -1.61 -27.29
CA ALA A 81 -27.27 -2.67 -26.44
C ALA A 81 -26.42 -2.67 -25.17
N LYS A 82 -27.02 -3.04 -24.06
CA LYS A 82 -26.30 -3.01 -22.79
C LYS A 82 -26.28 -4.38 -22.13
N ARG A 83 -25.10 -4.79 -21.69
CA ARG A 83 -24.96 -6.02 -20.96
C ARG A 83 -24.11 -5.78 -19.74
N ILE A 84 -24.65 -6.11 -18.57
CA ILE A 84 -23.88 -6.05 -17.35
C ILE A 84 -23.34 -7.44 -17.09
N ILE A 85 -22.04 -7.51 -16.82
CA ILE A 85 -21.38 -8.79 -16.57
C ILE A 85 -20.86 -8.82 -15.14
N LEU A 86 -21.43 -9.71 -14.34
CA LEU A 86 -21.01 -9.89 -12.96
C LEU A 86 -19.76 -10.75 -12.92
N THR A 87 -18.71 -10.24 -12.25
CA THR A 87 -17.42 -10.91 -12.29
C THR A 87 -17.07 -11.64 -11.01
N ASP A 88 -17.72 -11.28 -9.91
CA ASP A 88 -17.34 -11.82 -8.61
C ASP A 88 -18.47 -12.49 -7.82
N ALA A 89 -19.70 -12.01 -8.01
CA ALA A 89 -20.82 -12.48 -7.21
C ALA A 89 -22.10 -12.64 -8.02
N THR A 90 -22.79 -13.76 -7.80
CA THR A 90 -24.08 -14.01 -8.43
C THR A 90 -25.19 -13.35 -7.62
N PRO A 91 -26.19 -12.80 -8.30
CA PRO A 91 -27.27 -12.03 -7.68
C PRO A 91 -28.29 -12.89 -6.92
N ASN A 92 -28.78 -12.36 -5.82
CA ASN A 92 -29.94 -12.92 -5.15
C ASN A 92 -31.17 -12.36 -5.85
N PRO A 93 -32.18 -13.20 -6.08
CA PRO A 93 -33.40 -12.79 -6.80
C PRO A 93 -33.91 -11.42 -6.35
N LYS A 94 -33.68 -11.07 -5.09
CA LYS A 94 -34.07 -9.76 -4.58
C LYS A 94 -33.26 -8.66 -5.25
N ASP A 95 -31.96 -8.88 -5.36
CA ASP A 95 -31.06 -7.93 -5.99
C ASP A 95 -31.47 -7.65 -7.44
N LEU A 96 -31.93 -8.69 -8.13
CA LEU A 96 -32.31 -8.56 -9.53
C LEU A 96 -33.56 -7.71 -9.75
N GLN A 97 -34.30 -7.45 -8.68
CA GLN A 97 -35.50 -6.64 -8.78
C GLN A 97 -35.19 -5.16 -9.03
N SER A 98 -33.94 -4.77 -8.83
CA SER A 98 -33.50 -3.41 -9.11
C SER A 98 -33.14 -3.26 -10.58
N PHE A 99 -33.20 -4.37 -11.30
CA PHE A 99 -32.92 -4.39 -12.74
C PHE A 99 -34.00 -5.18 -13.47
N LYS A 100 -35.25 -4.77 -13.27
CA LYS A 100 -36.38 -5.53 -13.82
C LYS A 100 -36.46 -5.49 -15.35
N SER A 101 -35.84 -4.48 -15.95
CA SER A 101 -35.84 -4.35 -17.41
C SER A 101 -34.73 -5.18 -18.08
N PHE A 102 -33.88 -5.81 -17.26
CA PHE A 102 -32.76 -6.60 -17.75
C PHE A 102 -33.08 -8.10 -17.75
N LYS A 103 -32.64 -8.79 -18.80
CA LYS A 103 -32.85 -10.23 -18.91
C LYS A 103 -31.64 -11.01 -18.36
N TYR A 104 -31.87 -11.75 -17.28
CA TYR A 104 -30.81 -12.53 -16.64
C TYR A 104 -30.48 -13.76 -17.48
N VAL A 105 -29.35 -13.70 -18.18
CA VAL A 105 -28.98 -14.75 -19.13
C VAL A 105 -27.69 -15.45 -18.74
N MET A 106 -27.69 -16.78 -18.84
CA MET A 106 -26.49 -17.56 -18.55
C MET A 106 -25.42 -17.34 -19.60
N PRO A 107 -24.14 -17.46 -19.21
CA PRO A 107 -23.00 -17.28 -20.11
C PRO A 107 -23.03 -18.22 -21.31
N GLU A 108 -23.78 -19.31 -21.20
CA GLU A 108 -23.83 -20.31 -22.25
C GLU A 108 -24.79 -19.94 -23.38
N GLU A 109 -25.66 -18.96 -23.13
CA GLU A 109 -26.61 -18.51 -24.14
C GLU A 109 -26.02 -17.37 -24.96
N ASP A 110 -26.54 -17.18 -26.16
CA ASP A 110 -26.09 -16.09 -27.01
C ASP A 110 -27.29 -15.35 -27.62
N LYS A 111 -28.01 -14.62 -26.76
CA LYS A 111 -29.19 -13.89 -27.20
C LYS A 111 -28.90 -12.41 -27.39
N ASP A 112 -29.51 -11.81 -28.41
CA ASP A 112 -29.25 -10.43 -28.77
C ASP A 112 -30.23 -9.46 -28.09
N PHE A 113 -30.57 -9.75 -26.84
CA PHE A 113 -31.41 -8.86 -26.05
C PHE A 113 -30.81 -7.46 -25.96
N ALA A 114 -31.67 -6.47 -25.80
CA ALA A 114 -31.22 -5.08 -25.71
C ALA A 114 -30.66 -4.77 -24.33
N LEU A 115 -31.13 -5.51 -23.34
CA LEU A 115 -30.67 -5.34 -21.97
C LEU A 115 -30.56 -6.69 -21.29
N GLN A 116 -29.36 -7.03 -20.83
CA GLN A 116 -29.18 -8.31 -20.15
C GLN A 116 -28.07 -8.29 -19.10
N ILE A 117 -28.15 -9.24 -18.18
CA ILE A 117 -27.14 -9.44 -17.16
C ILE A 117 -26.62 -10.87 -17.26
N VAL A 118 -25.30 -11.03 -17.17
CA VAL A 118 -24.72 -12.37 -17.23
C VAL A 118 -23.80 -12.62 -16.05
N PRO A 119 -24.12 -13.65 -15.24
CA PRO A 119 -23.25 -14.04 -14.13
C PRO A 119 -22.00 -14.75 -14.64
N PHE A 120 -20.83 -14.18 -14.38
CA PHE A 120 -19.60 -14.77 -14.87
C PHE A 120 -18.52 -14.83 -13.80
N ASN A 121 -18.92 -15.08 -12.55
CA ASN A 121 -17.97 -15.30 -11.47
C ASN A 121 -17.50 -16.75 -11.47
N ASP A 122 -18.45 -17.68 -11.48
CA ASP A 122 -18.11 -19.08 -11.70
C ASP A 122 -17.76 -19.22 -13.17
N ARG A 123 -16.46 -19.21 -13.45
CA ARG A 123 -15.97 -18.85 -14.77
C ARG A 123 -15.03 -19.89 -15.34
N TYR A 124 -14.65 -20.87 -14.52
CA TYR A 124 -13.70 -21.88 -14.97
C TYR A 124 -14.28 -22.78 -16.05
N ASN A 125 -13.52 -22.95 -17.13
CA ASN A 125 -13.91 -23.81 -18.24
C ASN A 125 -15.21 -23.38 -18.92
N ARG A 126 -15.64 -22.16 -18.61
CA ARG A 126 -16.82 -21.58 -19.26
C ARG A 126 -16.37 -20.37 -20.06
N THR A 127 -17.24 -19.91 -20.95
CA THR A 127 -16.92 -18.75 -21.78
C THR A 127 -18.13 -17.84 -21.91
N ILE A 128 -17.84 -16.56 -22.16
CA ILE A 128 -18.88 -15.58 -22.40
C ILE A 128 -18.76 -15.09 -23.84
N PRO A 129 -19.91 -14.91 -24.52
CA PRO A 129 -19.89 -14.49 -25.94
C PRO A 129 -19.45 -13.05 -26.10
N VAL A 130 -18.50 -12.80 -26.99
CA VAL A 130 -18.04 -11.43 -27.23
C VAL A 130 -18.15 -11.07 -28.70
N ALA A 131 -18.98 -10.07 -28.99
CA ALA A 131 -19.22 -9.65 -30.37
C ALA A 131 -18.08 -8.81 -30.92
N LYS A 132 -17.98 -8.77 -32.24
CA LYS A 132 -16.99 -7.94 -32.91
C LYS A 132 -17.02 -6.51 -32.39
N HIS A 133 -18.22 -6.00 -32.11
CA HIS A 133 -18.38 -4.61 -31.69
C HIS A 133 -18.81 -4.51 -30.22
N ASP A 134 -18.47 -5.53 -29.45
CA ASP A 134 -18.64 -5.47 -28.02
C ASP A 134 -17.59 -4.52 -27.44
N ILE A 135 -18.07 -3.50 -26.73
CA ILE A 135 -17.20 -2.56 -26.07
C ILE A 135 -17.33 -2.72 -24.57
N PHE A 136 -16.19 -2.67 -23.87
CA PHE A 136 -16.18 -2.96 -22.44
C PHE A 136 -15.95 -1.73 -21.56
N ILE A 137 -16.67 -1.70 -20.44
CA ILE A 137 -16.55 -0.64 -19.45
C ILE A 137 -16.11 -1.25 -18.12
N ALA A 138 -14.87 -0.98 -17.73
CA ALA A 138 -14.30 -1.60 -16.54
C ALA A 138 -14.49 -0.74 -15.30
N THR A 139 -14.45 -1.38 -14.14
CA THR A 139 -14.59 -0.68 -12.88
C THR A 139 -13.44 -1.06 -11.97
N ALA A 140 -13.57 -2.18 -11.27
CA ALA A 140 -12.50 -2.70 -10.42
C ALA A 140 -11.26 -2.96 -11.28
N TRP A 141 -10.07 -2.75 -10.70
CA TRP A 141 -8.84 -2.90 -11.48
C TRP A 141 -8.79 -4.26 -12.19
N TRP A 142 -9.35 -5.29 -11.56
CA TRP A 142 -9.25 -6.64 -12.12
C TRP A 142 -10.27 -6.89 -13.22
N THR A 143 -11.33 -6.08 -13.25
CA THR A 143 -12.26 -6.14 -14.37
C THR A 143 -11.62 -5.46 -15.57
N ALA A 144 -10.77 -4.47 -15.32
CA ALA A 144 -10.02 -3.80 -16.38
C ALA A 144 -8.90 -4.70 -16.88
N TYR A 145 -8.29 -5.42 -15.94
CA TYR A 145 -7.27 -6.39 -16.28
C TYR A 145 -7.85 -7.39 -17.28
N ALA A 146 -9.04 -7.89 -16.99
CA ALA A 146 -9.72 -8.82 -17.89
C ALA A 146 -10.05 -8.17 -19.22
N ALA A 147 -10.70 -7.01 -19.16
CA ALA A 147 -11.12 -6.29 -20.36
C ALA A 147 -9.98 -6.15 -21.36
N GLN A 148 -8.82 -5.74 -20.86
CA GLN A 148 -7.68 -5.46 -21.73
C GLN A 148 -7.23 -6.74 -22.42
N ARG A 149 -7.34 -7.86 -21.72
CA ARG A 149 -7.00 -9.15 -22.31
C ARG A 149 -8.06 -9.62 -23.31
N ILE A 150 -9.31 -9.24 -23.08
CA ILE A 150 -10.39 -9.54 -23.99
C ILE A 150 -10.23 -8.77 -25.31
N VAL A 151 -9.84 -7.51 -25.21
CA VAL A 151 -9.64 -6.68 -26.39
C VAL A 151 -8.54 -7.22 -27.29
N SER A 152 -7.56 -7.87 -26.68
CA SER A 152 -6.51 -8.54 -27.44
C SER A 152 -7.09 -9.71 -28.23
N TRP A 153 -7.81 -10.57 -27.54
CA TRP A 153 -8.46 -11.72 -28.16
C TRP A 153 -9.45 -11.28 -29.23
N GLN A 154 -10.26 -10.28 -28.90
CA GLN A 154 -11.23 -9.70 -29.81
C GLN A 154 -10.57 -9.27 -31.11
N SER A 155 -9.50 -8.50 -30.97
CA SER A 155 -8.74 -7.99 -32.11
C SER A 155 -8.17 -9.09 -33.01
N ASP A 156 -7.71 -10.18 -32.39
CA ASP A 156 -7.09 -11.28 -33.15
C ASP A 156 -8.11 -12.18 -33.83
N THR A 157 -9.22 -12.44 -33.13
CA THR A 157 -10.23 -13.35 -33.61
C THR A 157 -11.05 -12.73 -34.74
N TYR A 158 -11.23 -11.41 -34.68
CA TYR A 158 -12.06 -10.72 -35.65
C TYR A 158 -11.24 -9.95 -36.69
N GLY A 159 -9.91 -9.95 -36.51
CA GLY A 159 -9.04 -9.23 -37.40
C GLY A 159 -9.41 -7.76 -37.49
N ILE A 160 -9.52 -7.11 -36.34
CA ILE A 160 -9.87 -5.70 -36.31
C ILE A 160 -8.89 -4.94 -35.43
N PRO A 161 -8.80 -3.62 -35.62
CA PRO A 161 -8.04 -2.78 -34.69
C PRO A 161 -8.64 -2.89 -33.29
N PRO A 162 -7.80 -2.84 -32.25
CA PRO A 162 -8.27 -2.98 -30.87
C PRO A 162 -9.34 -1.93 -30.56
N ASN A 163 -10.42 -2.36 -29.91
CA ASN A 163 -11.48 -1.45 -29.49
C ASN A 163 -11.08 -0.62 -28.28
N LYS A 164 -11.60 0.61 -28.21
CA LYS A 164 -11.41 1.44 -27.03
C LYS A 164 -12.02 0.74 -25.82
N ILE A 165 -11.35 0.86 -24.68
CA ILE A 165 -11.91 0.40 -23.42
C ILE A 165 -12.31 1.63 -22.63
N LEU A 166 -13.42 1.52 -21.91
CA LEU A 166 -13.86 2.60 -21.05
C LEU A 166 -13.57 2.24 -19.59
N TYR A 167 -12.64 2.96 -18.97
CA TYR A 167 -12.17 2.62 -17.63
C TYR A 167 -12.68 3.63 -16.61
N ILE A 168 -13.64 3.21 -15.80
CA ILE A 168 -14.18 4.07 -14.74
C ILE A 168 -13.35 3.95 -13.47
N ILE A 169 -12.40 4.88 -13.31
CA ILE A 169 -11.42 4.79 -12.24
C ILE A 169 -11.91 5.46 -10.96
N GLN A 170 -12.26 4.63 -9.97
CA GLN A 170 -12.89 5.10 -8.74
C GLN A 170 -11.87 5.53 -7.68
N ASP A 171 -10.66 5.00 -7.79
CA ASP A 171 -9.61 5.30 -6.83
C ASP A 171 -8.28 4.82 -7.42
N PHE A 172 -7.17 5.16 -6.78
CA PHE A 172 -5.89 4.56 -7.17
C PHE A 172 -5.83 3.19 -6.50
N GLU A 173 -6.52 2.23 -7.11
CA GLU A 173 -6.78 0.95 -6.45
C GLU A 173 -5.56 0.14 -6.00
N PRO A 174 -4.40 0.34 -6.64
CA PRO A 174 -3.19 -0.30 -6.07
C PRO A 174 -3.03 0.00 -4.58
N GLY A 175 -3.56 1.14 -4.13
CA GLY A 175 -3.48 1.51 -2.73
C GLY A 175 -4.27 0.61 -1.80
N PHE A 176 -5.15 -0.22 -2.37
CA PHE A 176 -5.95 -1.16 -1.59
C PHE A 176 -5.09 -2.33 -1.14
N TYR A 177 -3.86 -2.36 -1.64
CA TYR A 177 -2.96 -3.47 -1.40
C TYR A 177 -1.63 -2.93 -0.90
N GLN A 178 -0.94 -3.70 -0.08
CA GLN A 178 0.45 -3.39 0.24
C GLN A 178 1.25 -3.71 -1.00
N TRP A 179 2.52 -3.30 -1.03
CA TRP A 179 3.36 -3.67 -2.15
C TRP A 179 3.33 -5.19 -2.31
N SER A 180 2.94 -5.63 -3.50
CA SER A 180 2.67 -7.05 -3.72
C SER A 180 2.21 -7.32 -5.14
N SER A 181 1.96 -8.58 -5.43
CA SER A 181 1.47 -8.96 -6.75
C SER A 181 0.25 -8.13 -7.13
N GLN A 182 -0.78 -8.17 -6.29
CA GLN A 182 -2.02 -7.43 -6.56
C GLN A 182 -1.75 -5.97 -6.86
N TYR A 183 -0.77 -5.38 -6.16
CA TYR A 183 -0.46 -3.96 -6.31
C TYR A 183 -0.04 -3.64 -7.73
N VAL A 184 0.94 -4.40 -8.24
CA VAL A 184 1.51 -4.13 -9.55
C VAL A 184 0.55 -4.49 -10.69
N LEU A 185 -0.21 -5.57 -10.50
CA LEU A 185 -1.23 -5.97 -11.47
C LEU A 185 -2.30 -4.88 -11.53
N ALA A 186 -2.76 -4.44 -10.37
CA ALA A 186 -3.75 -3.37 -10.30
C ALA A 186 -3.21 -2.15 -11.03
N GLU A 187 -1.96 -1.79 -10.75
CA GLU A 187 -1.35 -0.65 -11.41
C GLU A 187 -1.16 -0.89 -12.91
N SER A 188 -0.78 -2.12 -13.27
CA SER A 188 -0.49 -2.43 -14.67
C SER A 188 -1.64 -2.08 -15.60
N THR A 189 -2.86 -2.10 -15.06
CA THR A 189 -4.03 -1.73 -15.84
C THR A 189 -3.98 -0.26 -16.26
N TYR A 190 -3.20 0.55 -15.55
CA TYR A 190 -3.05 1.96 -15.89
C TYR A 190 -1.94 2.14 -16.92
N LYS A 191 -1.08 1.13 -17.03
CA LYS A 191 0.06 1.18 -17.93
C LYS A 191 -0.27 0.57 -19.29
N TYR A 192 -1.45 -0.03 -19.40
CA TYR A 192 -1.97 -0.56 -20.65
C TYR A 192 -1.76 0.43 -21.78
N ARG A 193 -1.09 0.00 -22.84
CA ARG A 193 -0.74 0.89 -23.94
C ARG A 193 -1.81 0.96 -25.03
N GLY A 194 -2.84 0.12 -24.92
CA GLY A 194 -3.93 0.11 -25.88
C GLY A 194 -4.84 1.31 -25.73
N PRO A 195 -5.85 1.42 -26.61
CA PRO A 195 -6.80 2.54 -26.58
C PRO A 195 -7.72 2.46 -25.36
N GLN A 196 -7.61 3.45 -24.47
CA GLN A 196 -8.37 3.43 -23.23
C GLN A 196 -8.81 4.83 -22.85
N ILE A 197 -10.07 4.95 -22.49
CA ILE A 197 -10.60 6.22 -22.01
C ILE A 197 -10.82 6.14 -20.51
N ALA A 198 -10.15 7.04 -19.78
CA ALA A 198 -10.25 7.06 -18.33
C ALA A 198 -11.34 8.01 -17.89
N VAL A 199 -12.27 7.52 -17.07
CA VAL A 199 -13.26 8.38 -16.46
C VAL A 199 -13.07 8.35 -14.96
N PHE A 200 -12.44 9.40 -14.43
CA PHE A 200 -12.04 9.46 -13.03
C PHE A 200 -13.16 9.92 -12.12
N ASN A 201 -13.24 9.33 -10.94
CA ASN A 201 -14.08 9.88 -9.89
C ASN A 201 -13.39 11.10 -9.28
N SER A 202 -13.85 12.29 -9.68
CA SER A 202 -13.32 13.57 -9.20
C SER A 202 -12.12 14.05 -10.01
N GLU A 203 -11.94 15.37 -10.07
CA GLU A 203 -10.79 15.95 -10.76
C GLU A 203 -9.50 15.73 -9.96
N LEU A 204 -9.62 15.70 -8.64
CA LEU A 204 -8.47 15.44 -7.78
C LEU A 204 -7.78 14.13 -8.17
N LEU A 205 -8.56 13.07 -8.31
CA LEU A 205 -8.02 11.77 -8.68
C LEU A 205 -7.31 11.84 -10.02
N LYS A 206 -7.99 12.41 -11.01
CA LYS A 206 -7.42 12.60 -12.33
C LYS A 206 -6.03 13.22 -12.23
N GLN A 207 -5.93 14.31 -11.49
CA GLN A 207 -4.66 15.01 -11.34
C GLN A 207 -3.60 14.12 -10.69
N TYR A 208 -4.02 13.35 -9.69
CA TYR A 208 -3.12 12.41 -9.03
C TYR A 208 -2.47 11.50 -10.06
N PHE A 209 -3.30 10.91 -10.93
CA PHE A 209 -2.81 10.03 -11.98
C PHE A 209 -1.85 10.75 -12.94
N ASN A 210 -2.21 11.96 -13.34
CA ASN A 210 -1.34 12.77 -14.20
C ASN A 210 0.04 13.00 -13.60
N ASN A 211 0.08 13.36 -12.32
CA ASN A 211 1.34 13.56 -11.63
C ASN A 211 2.18 12.29 -11.62
N LYS A 212 1.53 11.16 -11.38
CA LYS A 212 2.21 9.86 -11.39
C LYS A 212 2.62 9.44 -12.80
N GLY A 213 2.19 10.21 -13.78
CA GLY A 213 2.65 10.03 -15.15
C GLY A 213 1.84 9.10 -16.02
N TYR A 214 0.67 8.68 -15.54
CA TYR A 214 -0.15 7.74 -16.28
C TYR A 214 -0.76 8.35 -17.55
N ASN A 215 -0.82 7.55 -18.61
CA ASN A 215 -1.35 8.03 -19.89
C ASN A 215 -2.57 7.25 -20.34
N PHE A 216 -3.55 7.97 -20.89
CA PHE A 216 -4.74 7.34 -21.46
C PHE A 216 -5.08 8.04 -22.76
N THR A 217 -5.80 7.33 -23.63
CA THR A 217 -6.20 7.88 -24.92
C THR A 217 -7.01 9.15 -24.69
N ASP A 218 -7.91 9.09 -23.73
CA ASP A 218 -8.71 10.26 -23.36
C ASP A 218 -8.96 10.24 -21.86
N GLU A 219 -9.08 11.42 -21.26
CA GLU A 219 -9.34 11.53 -19.83
C GLU A 219 -10.58 12.36 -19.53
N TYR A 220 -11.51 11.76 -18.81
CA TYR A 220 -12.71 12.45 -18.35
C TYR A 220 -12.79 12.26 -16.85
N PHE A 221 -13.60 13.09 -16.20
CA PHE A 221 -13.81 12.97 -14.76
C PHE A 221 -15.18 13.53 -14.41
N PHE A 222 -15.78 12.98 -13.36
CA PHE A 222 -17.03 13.51 -12.82
C PHE A 222 -16.81 13.96 -11.39
N GLN A 223 -17.27 15.17 -11.09
CA GLN A 223 -17.06 15.76 -9.78
C GLN A 223 -18.06 15.24 -8.75
N PRO A 224 -17.72 15.35 -7.46
CA PRO A 224 -18.64 14.97 -6.39
C PRO A 224 -19.87 15.88 -6.37
N LYS A 225 -21.04 15.30 -6.15
CA LYS A 225 -22.27 16.06 -6.11
C LYS A 225 -23.12 15.62 -4.92
N ILE A 226 -23.56 16.59 -4.13
CA ILE A 226 -24.35 16.32 -2.93
C ILE A 226 -25.52 15.37 -3.20
N ASN A 227 -25.66 14.38 -2.33
CA ASN A 227 -26.82 13.49 -2.37
C ASN A 227 -28.10 14.31 -2.45
N THR A 228 -29.00 13.92 -3.34
CA THR A 228 -30.20 14.70 -3.59
C THR A 228 -31.08 14.81 -2.35
N THR A 229 -31.28 13.70 -1.66
CA THR A 229 -32.08 13.70 -0.44
C THR A 229 -31.51 14.64 0.61
N LEU A 230 -30.19 14.63 0.76
CA LEU A 230 -29.53 15.49 1.75
C LEU A 230 -29.75 16.97 1.44
N LYS A 231 -29.66 17.33 0.16
CA LYS A 231 -29.81 18.72 -0.24
C LYS A 231 -31.15 19.27 0.27
N ASN A 232 -32.14 18.39 0.36
CA ASN A 232 -33.48 18.79 0.81
C ASN A 232 -33.50 19.28 2.25
N TYR A 233 -32.45 18.96 3.01
CA TYR A 233 -32.39 19.33 4.42
C TYR A 233 -31.39 20.45 4.69
N ILE A 234 -30.54 20.73 3.70
CA ILE A 234 -29.42 21.66 3.88
C ILE A 234 -29.85 23.07 4.30
N ASN A 235 -31.14 23.36 4.21
CA ASN A 235 -31.64 24.70 4.55
C ASN A 235 -32.42 24.74 5.86
N ASP A 236 -32.72 23.58 6.44
CA ASP A 236 -33.39 23.51 7.72
C ASP A 236 -32.60 24.26 8.79
N LYS A 237 -33.31 24.77 9.80
CA LYS A 237 -32.67 25.44 10.93
C LYS A 237 -32.00 24.40 11.81
N ARG A 238 -30.72 24.62 12.11
CA ARG A 238 -29.94 23.66 12.89
C ARG A 238 -29.73 24.11 14.33
N GLN A 239 -30.16 23.28 15.27
CA GLN A 239 -29.91 23.55 16.69
C GLN A 239 -28.69 22.74 17.15
N LYS A 240 -27.50 23.34 16.99
CA LYS A 240 -26.26 22.63 17.26
C LYS A 240 -26.13 22.18 18.71
N GLU A 241 -25.79 20.90 18.89
CA GLU A 241 -25.49 20.36 20.19
C GLU A 241 -23.99 20.06 20.25
N LYS A 242 -23.52 19.66 21.43
CA LYS A 242 -22.11 19.28 21.59
C LYS A 242 -21.89 17.83 21.20
N ILE A 243 -21.86 17.58 19.89
CA ILE A 243 -21.70 16.23 19.35
C ILE A 243 -20.51 16.13 18.42
N ILE A 244 -19.61 15.19 18.71
CA ILE A 244 -18.52 14.89 17.80
C ILE A 244 -18.92 13.69 16.95
N LEU A 245 -19.12 13.94 15.66
CA LEU A 245 -19.60 12.90 14.76
C LEU A 245 -18.44 12.24 14.03
N VAL A 246 -18.29 10.95 14.24
CA VAL A 246 -17.18 10.22 13.63
C VAL A 246 -17.67 9.35 12.48
N TYR A 247 -17.00 9.44 11.33
CA TYR A 247 -17.28 8.51 10.23
C TYR A 247 -16.47 7.24 10.42
N GLY A 248 -17.06 6.27 11.11
CA GLY A 248 -16.34 5.07 11.49
C GLY A 248 -16.70 3.85 10.67
N ARG A 249 -15.71 3.30 9.98
CA ARG A 249 -15.89 2.05 9.28
C ARG A 249 -14.67 1.16 9.46
N PRO A 250 -14.72 0.28 10.48
CA PRO A 250 -13.64 -0.65 10.81
C PRO A 250 -13.23 -1.48 9.60
N SER A 251 -14.19 -1.81 8.74
CA SER A 251 -13.93 -2.68 7.60
C SER A 251 -13.09 -2.00 6.52
N VAL A 252 -13.26 -0.70 6.35
CA VAL A 252 -12.62 0.02 5.26
C VAL A 252 -11.36 0.76 5.71
N LYS A 253 -10.23 0.04 5.69
CA LYS A 253 -8.95 0.57 6.15
C LYS A 253 -8.65 2.01 5.71
N ARG A 254 -8.99 2.33 4.46
CA ARG A 254 -8.87 3.70 3.95
C ARG A 254 -9.45 4.75 4.90
N ASN A 255 -10.35 4.33 5.79
CA ASN A 255 -11.04 5.22 6.69
C ASN A 255 -10.40 5.35 8.08
N ALA A 256 -9.31 4.63 8.27
CA ALA A 256 -8.49 4.76 9.47
C ALA A 256 -9.28 4.75 10.77
N PHE A 257 -10.23 3.82 10.88
CA PHE A 257 -11.02 3.71 12.11
C PHE A 257 -10.16 3.65 13.38
N THR A 258 -9.19 2.75 13.41
CA THR A 258 -8.34 2.57 14.59
C THR A 258 -7.55 3.82 14.94
N LEU A 259 -7.07 4.52 13.92
CA LEU A 259 -6.36 5.78 14.14
C LEU A 259 -7.25 6.80 14.82
N ILE A 260 -8.50 6.86 14.39
CA ILE A 260 -9.48 7.76 14.96
C ILE A 260 -9.78 7.39 16.41
N VAL A 261 -9.94 6.10 16.68
CA VAL A 261 -10.20 5.62 18.03
C VAL A 261 -9.07 6.00 18.97
N GLU A 262 -7.83 5.82 18.49
CA GLU A 262 -6.67 6.21 19.29
C GLU A 262 -6.69 7.69 19.65
N ALA A 263 -6.94 8.55 18.66
CA ALA A 263 -6.97 9.98 18.88
C ALA A 263 -8.07 10.34 19.86
N LEU A 264 -9.19 9.63 19.77
CA LEU A 264 -10.31 9.86 20.66
C LEU A 264 -9.92 9.56 22.11
N LYS A 265 -9.27 8.42 22.32
CA LYS A 265 -8.81 8.04 23.65
C LYS A 265 -7.94 9.14 24.27
N ILE A 266 -7.01 9.66 23.49
CA ILE A 266 -6.19 10.78 23.94
C ILE A 266 -7.03 12.00 24.27
N PHE A 267 -7.97 12.34 23.38
CA PHE A 267 -8.83 13.49 23.57
C PHE A 267 -9.56 13.44 24.90
N VAL A 268 -10.21 12.31 25.17
CA VAL A 268 -10.93 12.11 26.42
C VAL A 268 -10.03 12.32 27.63
N GLN A 269 -8.76 11.94 27.50
CA GLN A 269 -7.82 12.05 28.61
C GLN A 269 -7.25 13.46 28.77
N LYS A 270 -6.84 14.07 27.67
CA LYS A 270 -6.16 15.36 27.72
C LYS A 270 -7.10 16.56 27.62
N TYR A 271 -8.40 16.31 27.69
CA TYR A 271 -9.37 17.40 27.67
C TYR A 271 -10.32 17.25 28.86
N ASP A 272 -10.32 18.25 29.72
CA ASP A 272 -11.08 18.19 30.95
C ASP A 272 -12.58 18.41 30.70
N ARG A 273 -12.89 19.11 29.62
CA ARG A 273 -14.29 19.35 29.27
C ARG A 273 -14.82 18.27 28.33
N SER A 274 -14.12 17.14 28.26
CA SER A 274 -14.53 16.05 27.38
C SER A 274 -15.89 15.48 27.78
N ASN A 275 -16.12 15.39 29.09
CA ASN A 275 -17.38 14.86 29.61
C ASN A 275 -18.60 15.56 29.04
N GLU A 276 -18.40 16.77 28.52
CA GLU A 276 -19.50 17.59 28.01
C GLU A 276 -19.98 17.09 26.66
N TRP A 277 -19.12 16.37 25.95
CA TRP A 277 -19.40 15.98 24.58
C TRP A 277 -19.92 14.56 24.39
N LYS A 278 -20.82 14.39 23.43
CA LYS A 278 -21.23 13.07 23.00
C LYS A 278 -20.46 12.72 21.73
N ILE A 279 -19.87 11.53 21.71
CA ILE A 279 -19.13 11.09 20.54
C ILE A 279 -19.88 9.97 19.84
N ILE A 280 -20.28 10.20 18.60
CA ILE A 280 -21.12 9.26 17.87
C ILE A 280 -20.47 8.79 16.60
N SER A 281 -20.57 7.50 16.33
CA SER A 281 -20.03 6.92 15.11
C SER A 281 -21.14 6.51 14.15
N VAL A 282 -21.01 6.98 12.91
CA VAL A 282 -21.93 6.58 11.84
C VAL A 282 -21.14 6.04 10.66
N GLY A 283 -21.82 5.31 9.78
CA GLY A 283 -21.17 4.75 8.61
C GLY A 283 -21.29 3.24 8.51
N GLU A 284 -20.86 2.56 9.56
CA GLU A 284 -20.90 1.10 9.59
C GLU A 284 -21.05 0.64 11.03
N LYS A 285 -22.02 -0.22 11.27
CA LYS A 285 -22.29 -0.69 12.62
C LYS A 285 -21.05 -1.36 13.22
N HIS A 286 -20.76 -1.02 14.47
CA HIS A 286 -19.72 -1.71 15.24
C HIS A 286 -20.04 -1.69 16.73
N LYS A 287 -19.32 -2.51 17.48
CA LYS A 287 -19.47 -2.56 18.93
C LYS A 287 -19.15 -1.19 19.51
N ASP A 288 -19.85 -0.82 20.58
CA ASP A 288 -19.54 0.44 21.24
C ASP A 288 -18.17 0.35 21.89
N ILE A 289 -17.38 1.42 21.78
CA ILE A 289 -15.98 1.40 22.16
C ILE A 289 -15.67 2.36 23.30
N ALA A 290 -15.12 1.83 24.39
CA ALA A 290 -14.78 2.65 25.55
C ALA A 290 -13.54 3.51 25.26
N LEU A 291 -13.64 4.80 25.58
CA LEU A 291 -12.53 5.72 25.35
C LEU A 291 -11.89 6.16 26.66
N GLY A 292 -12.45 5.71 27.78
CA GLY A 292 -11.98 6.12 29.09
C GLY A 292 -12.93 7.11 29.75
N LYS A 293 -12.83 7.21 31.08
CA LYS A 293 -13.68 8.10 31.85
C LYS A 293 -15.17 7.77 31.67
N GLY A 294 -15.45 6.52 31.36
CA GLY A 294 -16.82 6.06 31.18
C GLY A 294 -17.45 6.52 29.88
N ILE A 295 -16.70 7.30 29.10
CA ILE A 295 -17.19 7.80 27.82
C ILE A 295 -17.05 6.75 26.71
N HIS A 296 -18.07 6.65 25.86
CA HIS A 296 -18.08 5.64 24.81
C HIS A 296 -18.27 6.24 23.41
N LEU A 297 -17.64 5.61 22.42
CA LEU A 297 -17.95 5.89 21.03
C LEU A 297 -19.12 5.00 20.66
N ASN A 298 -20.30 5.60 20.50
CA ASN A 298 -21.52 4.86 20.24
C ASN A 298 -21.80 4.77 18.75
N SER A 299 -22.02 3.56 18.27
CA SER A 299 -22.24 3.34 16.84
C SER A 299 -23.71 3.40 16.49
N LEU A 300 -24.05 4.17 15.45
CA LEU A 300 -25.41 4.22 14.94
C LEU A 300 -25.52 3.40 13.66
N GLY A 301 -24.38 2.94 13.15
CA GLY A 301 -24.34 2.18 11.92
C GLY A 301 -24.58 3.07 10.72
N LYS A 302 -25.25 2.55 9.70
CA LYS A 302 -25.63 3.35 8.55
C LYS A 302 -27.04 3.90 8.76
N LEU A 303 -27.11 5.17 9.14
CA LEU A 303 -28.41 5.82 9.34
C LEU A 303 -29.11 6.01 8.01
N THR A 304 -30.43 6.03 8.02
CA THR A 304 -31.18 6.41 6.83
C THR A 304 -30.72 7.80 6.41
N LEU A 305 -30.84 8.13 5.13
CA LEU A 305 -30.47 9.47 4.67
C LEU A 305 -31.15 10.56 5.49
N GLU A 306 -32.37 10.29 5.93
CA GLU A 306 -33.13 11.25 6.71
C GLU A 306 -32.55 11.40 8.10
N ASP A 307 -32.39 10.28 8.80
CA ASP A 307 -31.78 10.28 10.13
C ASP A 307 -30.39 10.89 10.10
N TYR A 308 -29.59 10.48 9.11
CA TYR A 308 -28.26 11.03 8.91
C TYR A 308 -28.33 12.54 8.79
N ALA A 309 -29.24 13.03 7.96
CA ALA A 309 -29.41 14.47 7.76
C ALA A 309 -29.74 15.16 9.08
N ASP A 310 -30.63 14.56 9.85
CA ASP A 310 -31.02 15.11 11.15
C ASP A 310 -29.81 15.22 12.07
N LEU A 311 -29.08 14.11 12.21
CA LEU A 311 -27.91 14.07 13.07
C LEU A 311 -26.89 15.12 12.65
N LEU A 312 -26.72 15.28 11.33
CA LEU A 312 -25.80 16.28 10.80
C LEU A 312 -26.16 17.69 11.25
N LYS A 313 -27.45 18.01 11.26
CA LYS A 313 -27.91 19.32 11.68
C LYS A 313 -27.60 19.60 13.15
N ARG A 314 -27.71 18.58 13.99
CA ARG A 314 -27.47 18.73 15.41
C ARG A 314 -25.99 18.67 15.78
N SER A 315 -25.19 18.05 14.92
CA SER A 315 -23.76 17.85 15.22
C SER A 315 -22.90 19.05 14.84
N SER A 316 -21.83 19.26 15.60
CA SER A 316 -21.01 20.46 15.43
C SER A 316 -19.55 20.17 15.07
N ILE A 317 -19.03 19.02 15.50
CA ILE A 317 -17.69 18.61 15.10
C ILE A 317 -17.70 17.27 14.38
N GLY A 318 -16.92 17.17 13.30
CA GLY A 318 -16.85 15.94 12.53
C GLY A 318 -15.43 15.45 12.29
N ILE A 319 -15.24 14.14 12.43
CA ILE A 319 -13.99 13.51 12.05
C ILE A 319 -14.26 12.47 10.97
N SER A 320 -13.63 12.64 9.80
CA SER A 320 -13.79 11.71 8.69
C SER A 320 -12.52 11.65 7.87
N LEU A 321 -11.93 10.45 7.79
CA LEU A 321 -10.64 10.28 7.13
C LEU A 321 -10.73 9.39 5.89
N MET A 322 -10.01 9.79 4.84
CA MET A 322 -9.90 9.00 3.62
C MET A 322 -8.46 8.99 3.15
N ILE A 323 -7.73 7.92 3.47
CA ILE A 323 -6.35 7.79 3.03
C ILE A 323 -6.31 7.46 1.55
N SER A 324 -6.35 8.48 0.72
CA SER A 324 -6.45 8.33 -0.73
C SER A 324 -6.52 9.71 -1.34
N PRO A 325 -6.02 9.86 -2.58
CA PRO A 325 -6.04 11.18 -3.21
C PRO A 325 -7.44 11.62 -3.53
N HIS A 326 -8.37 10.68 -3.63
CA HIS A 326 -9.72 11.02 -4.03
C HIS A 326 -10.54 11.53 -2.86
N PRO A 327 -11.43 12.51 -3.13
CA PRO A 327 -12.29 13.06 -2.09
C PRO A 327 -13.37 12.07 -1.71
N SER A 328 -13.74 12.02 -0.44
CA SER A 328 -14.88 11.21 -0.02
C SER A 328 -16.05 12.15 0.24
N TYR A 329 -17.22 11.58 0.47
CA TYR A 329 -18.42 12.40 0.64
C TYR A 329 -18.63 12.97 2.05
N PRO A 330 -18.49 12.12 3.08
CA PRO A 330 -18.80 12.55 4.45
C PRO A 330 -18.15 13.86 4.88
N PRO A 331 -16.86 14.09 4.56
CA PRO A 331 -16.26 15.36 4.96
C PRO A 331 -16.97 16.53 4.32
N LEU A 332 -17.45 16.35 3.09
CA LEU A 332 -18.13 17.41 2.36
C LEU A 332 -19.54 17.63 2.91
N GLU A 333 -20.23 16.53 3.21
CA GLU A 333 -21.57 16.60 3.76
C GLU A 333 -21.57 17.28 5.13
N MET A 334 -20.66 16.84 6.00
CA MET A 334 -20.53 17.45 7.32
C MET A 334 -20.29 18.96 7.20
N ALA A 335 -19.34 19.34 6.35
CA ALA A 335 -18.99 20.74 6.20
C ALA A 335 -20.19 21.57 5.75
N HIS A 336 -20.94 21.04 4.80
CA HIS A 336 -22.10 21.76 4.25
C HIS A 336 -23.30 21.75 5.20
N PHE A 337 -23.14 21.07 6.33
CA PHE A 337 -24.18 21.08 7.36
C PHE A 337 -23.71 21.83 8.60
N GLY A 338 -22.64 22.60 8.44
CA GLY A 338 -22.18 23.49 9.49
C GLY A 338 -21.30 22.83 10.55
N LEU A 339 -20.74 21.67 10.23
CA LEU A 339 -19.80 21.02 11.13
C LEU A 339 -18.39 21.50 10.84
N ARG A 340 -17.59 21.62 11.90
CA ARG A 340 -16.16 21.76 11.73
C ARG A 340 -15.62 20.35 11.53
N VAL A 341 -15.03 20.10 10.37
CA VAL A 341 -14.61 18.75 10.04
C VAL A 341 -13.10 18.58 10.09
N ILE A 342 -12.66 17.63 10.90
CA ILE A 342 -11.26 17.20 10.89
C ILE A 342 -11.08 16.12 9.85
N THR A 343 -10.16 16.35 8.92
CA THR A 343 -9.91 15.38 7.86
C THR A 343 -8.42 15.35 7.50
N ASN A 344 -8.03 14.34 6.73
CA ASN A 344 -6.64 14.18 6.37
C ASN A 344 -6.31 14.75 5.01
N LYS A 345 -5.10 15.24 4.87
CA LYS A 345 -4.58 15.65 3.58
C LYS A 345 -3.94 14.41 2.95
N TYR A 346 -4.04 14.28 1.63
CA TYR A 346 -3.31 13.23 0.92
C TYR A 346 -2.74 13.71 -0.39
N GLU A 347 -1.43 13.90 -0.43
CA GLU A 347 -0.76 14.46 -1.61
C GLU A 347 -1.48 15.71 -2.10
N ASN A 348 -2.11 15.63 -3.26
CA ASN A 348 -2.76 16.80 -3.84
C ASN A 348 -4.11 17.13 -3.21
N LYS A 349 -4.73 16.15 -2.55
CA LYS A 349 -6.00 16.40 -1.86
C LYS A 349 -5.80 17.21 -0.58
N ASP A 350 -6.37 18.41 -0.56
CA ASP A 350 -6.33 19.25 0.63
C ASP A 350 -7.68 19.96 0.76
N LEU A 351 -8.63 19.29 1.42
CA LEU A 351 -10.02 19.77 1.45
C LEU A 351 -10.20 21.10 2.17
N SER A 352 -9.18 21.57 2.88
CA SER A 352 -9.28 22.82 3.61
C SER A 352 -9.43 24.00 2.66
N ASN A 353 -9.22 23.75 1.37
CA ASN A 353 -9.36 24.77 0.35
C ASN A 353 -10.73 24.69 -0.32
N TRP A 354 -11.45 23.61 -0.04
CA TRP A 354 -12.78 23.40 -0.60
C TRP A 354 -13.85 24.14 0.21
N HIS A 355 -13.69 24.13 1.53
CA HIS A 355 -14.69 24.71 2.41
C HIS A 355 -14.04 25.17 3.71
N SER A 356 -14.47 26.31 4.22
CA SER A 356 -13.84 26.90 5.40
C SER A 356 -13.98 26.03 6.66
N ASN A 357 -15.06 25.23 6.70
CA ASN A 357 -15.33 24.38 7.86
C ASN A 357 -14.41 23.17 7.95
N ILE A 358 -13.74 22.86 6.85
CA ILE A 358 -12.83 21.72 6.81
C ILE A 358 -11.43 22.10 7.30
N VAL A 359 -10.89 21.29 8.21
CA VAL A 359 -9.50 21.42 8.59
C VAL A 359 -8.73 20.15 8.19
N SER A 360 -7.65 20.34 7.45
CA SER A 360 -6.84 19.23 6.97
C SER A 360 -5.54 19.12 7.76
N LEU A 361 -5.32 17.97 8.38
CA LEU A 361 -4.06 17.72 9.10
C LEU A 361 -2.97 17.23 8.16
N GLU A 362 -1.81 17.88 8.22
CA GLU A 362 -0.65 17.48 7.43
C GLU A 362 0.11 16.34 8.12
N GLN A 363 0.32 16.49 9.41
CA GLN A 363 0.92 15.44 10.24
C GLN A 363 -0.19 14.62 10.87
N LEU A 364 -0.39 13.41 10.37
CA LEU A 364 -1.55 12.62 10.75
C LEU A 364 -1.25 11.55 11.80
N ASN A 365 -1.43 11.91 13.07
CA ASN A 365 -1.27 10.97 14.18
C ASN A 365 -2.35 11.23 15.23
N PRO A 366 -2.49 10.32 16.22
CA PRO A 366 -3.55 10.51 17.22
C PRO A 366 -3.39 11.82 18.00
N GLU A 367 -2.17 12.14 18.38
CA GLU A 367 -1.89 13.34 19.14
C GLU A 367 -2.42 14.58 18.42
N ASN A 368 -2.12 14.71 17.14
CA ASN A 368 -2.51 15.89 16.39
C ASN A 368 -4.01 15.99 16.15
N ILE A 369 -4.65 14.84 15.98
CA ILE A 369 -6.10 14.82 15.84
C ILE A 369 -6.72 15.23 17.17
N ALA A 370 -6.26 14.60 18.25
CA ALA A 370 -6.76 14.90 19.60
C ALA A 370 -6.63 16.38 19.92
N GLU A 371 -5.51 16.97 19.51
CA GLU A 371 -5.26 18.39 19.76
C GLU A 371 -6.24 19.25 18.99
N THR A 372 -6.34 19.02 17.69
CA THR A 372 -7.26 19.76 16.84
C THR A 372 -8.68 19.62 17.38
N LEU A 373 -8.99 18.42 17.87
CA LEU A 373 -10.29 18.14 18.46
C LEU A 373 -10.53 19.01 19.70
N VAL A 374 -9.48 19.26 20.47
CA VAL A 374 -9.58 20.16 21.62
C VAL A 374 -9.81 21.59 21.16
N GLU A 375 -9.01 22.05 20.21
CA GLU A 375 -9.14 23.41 19.70
C GLU A 375 -10.53 23.69 19.17
N LEU A 376 -11.11 22.71 18.49
CA LEU A 376 -12.44 22.88 17.91
C LEU A 376 -13.51 22.95 18.99
N CYS A 377 -13.41 22.08 19.99
CA CYS A 377 -14.33 22.10 21.11
C CYS A 377 -14.33 23.45 21.79
N MET A 378 -13.13 23.98 22.05
CA MET A 378 -12.98 25.30 22.64
C MET A 378 -13.55 26.37 21.71
N SER A 379 -13.46 26.12 20.41
CA SER A 379 -13.96 27.06 19.41
C SER A 379 -15.50 27.12 19.45
N PHE A 380 -16.12 26.02 19.84
CA PHE A 380 -17.57 25.92 19.91
C PHE A 380 -18.16 26.91 20.92
N ASN A 381 -17.30 27.45 21.78
CA ASN A 381 -17.72 28.40 22.81
C ASN A 381 -18.77 27.80 23.75
N GLU A 389 -19.40 28.94 5.94
CA GLU A 389 -18.99 30.33 5.82
C GLU A 389 -18.45 30.63 4.43
N SER A 390 -17.39 29.93 4.04
CA SER A 390 -16.78 30.12 2.72
C SER A 390 -16.61 28.79 1.96
N SER A 391 -17.03 28.78 0.70
CA SER A 391 -16.94 27.59 -0.11
C SER A 391 -16.26 27.88 -1.45
N ASN A 392 -15.36 27.01 -1.86
CA ASN A 392 -14.72 27.10 -3.16
C ASN A 392 -15.02 25.84 -3.98
N MET A 393 -16.12 25.18 -3.60
CA MET A 393 -16.54 23.96 -4.26
C MET A 393 -18.02 24.09 -4.63
N MET A 394 -18.37 25.25 -5.16
CA MET A 394 -19.76 25.55 -5.51
C MET A 394 -20.42 24.40 -6.25
N PHE A 395 -19.67 23.75 -7.14
CA PHE A 395 -20.19 22.65 -7.95
C PHE A 395 -20.87 21.57 -7.12
N TYR A 396 -20.40 21.36 -5.89
CA TYR A 396 -20.92 20.28 -5.06
C TYR A 396 -22.44 20.36 -4.89
N ILE A 397 -22.98 21.58 -4.83
CA ILE A 397 -24.42 21.77 -4.73
C ILE A 397 -24.98 22.34 -6.03
N ASN A 398 -24.98 21.51 -7.06
CA ASN A 398 -25.34 21.91 -8.42
C ASN A 398 -24.69 23.23 -8.83
N GLU A 402 -24.54 16.30 -14.74
CA GLU A 402 -23.30 15.86 -14.10
C GLU A 402 -22.44 15.03 -15.04
N PHE A 403 -23.04 14.02 -15.67
CA PHE A 403 -22.33 13.18 -16.63
C PHE A 403 -22.49 13.73 -18.04
N SER A 404 -22.22 15.02 -18.19
CA SER A 404 -22.33 15.71 -19.47
C SER A 404 -21.44 15.08 -20.54
N PHE A 405 -20.30 14.54 -20.12
CA PHE A 405 -19.32 13.98 -21.04
C PHE A 405 -19.81 12.72 -21.76
N ILE A 406 -20.71 11.98 -21.12
CA ILE A 406 -21.20 10.73 -21.69
C ILE A 406 -21.51 10.85 -23.18
N LYS A 407 -22.28 11.86 -23.55
CA LYS A 407 -22.66 12.06 -24.94
C LYS A 407 -21.42 12.16 -25.81
N GLU A 408 -20.46 12.97 -25.37
CA GLU A 408 -19.21 13.13 -26.10
C GLU A 408 -18.46 11.81 -26.22
N ILE A 409 -18.45 11.04 -25.13
CA ILE A 409 -17.78 9.74 -25.12
C ILE A 409 -18.45 8.78 -26.08
N GLU A 410 -19.78 8.84 -26.14
CA GLU A 410 -20.55 7.96 -27.01
C GLU A 410 -20.11 8.08 -28.47
N GLU A 411 -19.64 9.27 -28.85
CA GLU A 411 -19.27 9.56 -30.23
C GLU A 411 -17.87 9.04 -30.58
N LYS A 412 -17.20 8.42 -29.63
CA LYS A 412 -15.86 7.88 -29.87
C LYS A 412 -15.85 6.36 -29.94
N LEU A 413 -17.02 5.74 -29.81
CA LEU A 413 -17.10 4.28 -29.75
C LEU A 413 -17.92 3.70 -30.89
N PHE B 26 -15.08 -9.55 17.59
CA PHE B 26 -13.93 -8.73 17.98
C PHE B 26 -13.46 -7.83 16.86
N ILE B 27 -13.15 -6.59 17.21
CA ILE B 27 -12.66 -5.60 16.25
C ILE B 27 -11.39 -4.97 16.79
N GLU B 28 -10.34 -4.94 15.97
CA GLU B 28 -9.11 -4.28 16.37
C GLU B 28 -9.44 -2.86 16.79
N THR B 29 -9.19 -2.55 18.06
CA THR B 29 -9.50 -1.25 18.62
C THR B 29 -8.29 -0.34 18.66
N SER B 30 -7.17 -0.88 19.09
CA SER B 30 -5.94 -0.11 19.19
C SER B 30 -5.04 -0.35 17.99
N ILE B 31 -3.86 0.25 18.02
CA ILE B 31 -2.85 0.02 17.01
C ILE B 31 -1.58 -0.43 17.71
N PRO B 32 -1.31 -1.74 17.65
CA PRO B 32 -0.27 -2.42 18.43
C PRO B 32 1.12 -1.83 18.21
N GLU B 33 1.43 -1.44 16.99
CA GLU B 33 2.75 -0.89 16.65
C GLU B 33 3.10 0.31 17.52
N ILE B 34 2.09 1.00 18.03
CA ILE B 34 2.33 2.24 18.76
C ILE B 34 1.92 2.16 20.22
N THR B 35 1.94 0.95 20.78
CA THR B 35 1.82 0.78 22.23
C THR B 35 2.78 1.75 22.89
N PRO B 36 2.30 2.48 23.90
CA PRO B 36 3.11 3.54 24.55
C PRO B 36 4.50 3.05 24.97
N PHE B 37 5.48 3.92 24.81
CA PHE B 37 6.87 3.61 25.15
C PHE B 37 7.30 4.43 26.36
N ASN B 38 6.98 3.93 27.55
CA ASN B 38 7.16 4.70 28.77
C ASN B 38 8.61 4.80 29.24
N ALA B 39 9.07 6.03 29.44
CA ALA B 39 10.43 6.27 29.91
C ALA B 39 10.40 6.82 31.33
N ARG B 40 11.56 6.85 31.95
CA ARG B 40 11.71 7.43 33.29
C ARG B 40 13.12 7.96 33.43
N THR B 41 13.34 8.79 34.44
CA THR B 41 14.63 9.41 34.65
C THR B 41 15.74 8.39 34.89
N SER B 42 16.96 8.75 34.49
CA SER B 42 18.14 7.96 34.76
C SER B 42 19.25 8.89 35.21
N SER B 43 20.20 8.37 35.98
CA SER B 43 21.28 9.20 36.50
C SER B 43 22.48 9.30 35.56
N ILE B 44 22.52 8.45 34.55
CA ILE B 44 23.61 8.44 33.59
C ILE B 44 23.90 9.85 33.07
N LYS B 45 25.14 10.30 33.25
CA LYS B 45 25.52 11.65 32.84
C LYS B 45 26.16 11.66 31.46
N GLY B 46 26.79 10.55 31.09
CA GLY B 46 27.45 10.46 29.79
C GLY B 46 26.49 10.32 28.63
N LYS B 47 27.03 10.35 27.42
CA LYS B 47 26.25 10.10 26.21
C LYS B 47 26.02 8.60 26.05
N ARG B 48 24.93 8.23 25.38
CA ARG B 48 24.64 6.82 25.16
C ARG B 48 23.76 6.61 23.92
N LEU B 49 24.29 5.87 22.96
CA LEU B 49 23.55 5.52 21.76
C LEU B 49 22.60 4.37 22.04
N ASN B 50 21.34 4.55 21.65
CA ASN B 50 20.32 3.52 21.90
C ASN B 50 19.73 3.01 20.59
N LEU B 51 19.97 1.75 20.28
CA LEU B 51 19.48 1.15 19.05
C LEU B 51 18.16 0.46 19.29
N LEU B 52 17.11 1.00 18.67
CA LEU B 52 15.79 0.40 18.79
C LEU B 52 15.56 -0.58 17.65
N VAL B 53 15.54 -1.87 17.97
CA VAL B 53 15.23 -2.89 16.98
C VAL B 53 14.16 -3.81 17.51
N PRO B 54 13.29 -4.32 16.62
CA PRO B 54 12.18 -5.20 17.00
C PRO B 54 12.67 -6.49 17.63
N SER B 55 13.77 -7.04 17.12
CA SER B 55 14.25 -8.34 17.58
C SER B 55 15.71 -8.56 17.21
N ILE B 56 16.38 -9.41 18.00
CA ILE B 56 17.74 -9.84 17.67
C ILE B 56 17.81 -11.36 17.60
N ASN B 57 16.66 -12.01 17.51
CA ASN B 57 16.58 -13.46 17.39
C ASN B 57 17.05 -13.90 16.00
N GLN B 58 17.82 -14.98 15.95
CA GLN B 58 18.31 -15.50 14.67
C GLN B 58 17.16 -15.85 13.73
N GLU B 59 16.01 -16.19 14.31
CA GLU B 59 14.80 -16.47 13.54
C GLU B 59 14.31 -15.21 12.84
N HIS B 60 14.27 -14.11 13.58
CA HIS B 60 13.81 -12.83 13.05
C HIS B 60 14.95 -12.08 12.37
N MET B 61 16.14 -12.66 12.38
CA MET B 61 17.34 -11.95 11.91
C MET B 61 17.38 -11.78 10.39
N PHE B 62 16.56 -10.88 9.87
CA PHE B 62 16.59 -10.54 8.46
C PHE B 62 17.54 -9.39 8.17
N GLY B 63 17.66 -9.03 6.90
CA GLY B 63 18.65 -8.06 6.45
C GLY B 63 18.57 -6.68 7.07
N GLY B 64 17.36 -6.22 7.37
CA GLY B 64 17.16 -4.90 7.93
C GLY B 64 17.83 -4.70 9.27
N ILE B 65 17.53 -5.59 10.21
CA ILE B 65 18.11 -5.54 11.55
C ILE B 65 19.60 -5.86 11.55
N SER B 66 20.03 -6.78 10.69
CA SER B 66 21.43 -7.16 10.63
C SER B 66 22.27 -6.01 10.07
N THR B 67 21.71 -5.28 9.12
CA THR B 67 22.38 -4.11 8.57
C THR B 67 22.47 -3.03 9.63
N ALA B 68 21.37 -2.83 10.34
CA ALA B 68 21.35 -1.85 11.42
C ALA B 68 22.44 -2.19 12.42
N LEU B 69 22.46 -3.43 12.87
CA LEU B 69 23.45 -3.89 13.84
C LEU B 69 24.88 -3.67 13.34
N LYS B 70 25.09 -3.95 12.06
CA LYS B 70 26.39 -3.72 11.43
C LYS B 70 26.76 -2.25 11.53
N LEU B 71 25.82 -1.39 11.14
CA LEU B 71 26.01 0.05 11.18
C LEU B 71 26.25 0.53 12.62
N PHE B 72 25.45 0.03 13.54
CA PHE B 72 25.55 0.39 14.95
C PHE B 72 26.92 0.05 15.50
N GLU B 73 27.50 -1.02 14.97
CA GLU B 73 28.79 -1.50 15.43
C GLU B 73 29.91 -0.52 15.11
N GLN B 74 29.66 0.33 14.12
CA GLN B 74 30.66 1.28 13.63
C GLN B 74 30.92 2.44 14.57
N PHE B 75 30.01 2.68 15.51
CA PHE B 75 30.14 3.83 16.40
C PHE B 75 31.22 3.62 17.47
N ASP B 76 32.14 4.58 17.57
CA ASP B 76 33.22 4.54 18.55
C ASP B 76 32.66 4.17 19.92
N ASN B 77 32.83 2.89 20.27
CA ASN B 77 32.32 2.35 21.53
C ASN B 77 32.97 3.01 22.74
N ALA B 78 34.02 3.78 22.50
CA ALA B 78 34.75 4.44 23.57
C ALA B 78 34.24 5.87 23.79
N ALA B 79 33.52 6.39 22.80
CA ALA B 79 32.95 7.73 22.89
C ALA B 79 31.47 7.69 23.26
N PHE B 80 30.87 6.52 23.12
CA PHE B 80 29.45 6.35 23.45
C PHE B 80 29.20 5.02 24.14
N ALA B 81 28.31 5.04 25.13
CA ALA B 81 27.81 3.80 25.69
C ALA B 81 26.75 3.32 24.72
N LYS B 82 26.57 2.01 24.61
CA LYS B 82 25.62 1.46 23.66
C LYS B 82 24.60 0.61 24.36
N ARG B 83 23.33 0.84 24.03
CA ARG B 83 22.26 0.02 24.54
C ARG B 83 21.35 -0.36 23.40
N ILE B 84 21.14 -1.67 23.23
CA ILE B 84 20.17 -2.14 22.26
C ILE B 84 18.87 -2.41 22.99
N ILE B 85 17.78 -1.87 22.45
CA ILE B 85 16.47 -2.03 23.06
C ILE B 85 15.57 -2.83 22.15
N LEU B 86 15.19 -4.02 22.60
CA LEU B 86 14.30 -4.89 21.85
C LEU B 86 12.86 -4.41 22.04
N THR B 87 12.16 -4.19 20.94
CA THR B 87 10.83 -3.59 21.02
C THR B 87 9.70 -4.57 20.77
N ASP B 88 10.01 -5.70 20.13
CA ASP B 88 8.96 -6.62 19.72
C ASP B 88 9.13 -8.07 20.21
N ALA B 89 10.38 -8.49 20.38
CA ALA B 89 10.63 -9.89 20.71
C ALA B 89 11.76 -10.06 21.71
N THR B 90 11.54 -10.94 22.68
CA THR B 90 12.56 -11.26 23.67
C THR B 90 13.47 -12.35 23.13
N PRO B 91 14.77 -12.26 23.44
CA PRO B 91 15.80 -13.16 22.90
C PRO B 91 15.78 -14.56 23.51
N ASN B 92 16.06 -15.55 22.68
CA ASN B 92 16.34 -16.89 23.16
C ASN B 92 17.82 -16.91 23.54
N PRO B 93 18.16 -17.54 24.68
CA PRO B 93 19.54 -17.58 25.17
C PRO B 93 20.56 -17.86 24.05
N LYS B 94 20.15 -18.60 23.02
CA LYS B 94 21.02 -18.87 21.88
C LYS B 94 21.30 -17.59 21.10
N ASP B 95 20.25 -16.81 20.88
CA ASP B 95 20.36 -15.53 20.17
C ASP B 95 21.33 -14.59 20.87
N LEU B 96 21.31 -14.60 22.20
CA LEU B 96 22.16 -13.71 22.99
C LEU B 96 23.65 -14.04 22.88
N GLN B 97 23.97 -15.22 22.36
CA GLN B 97 25.37 -15.63 22.23
C GLN B 97 26.08 -14.87 21.11
N SER B 98 25.31 -14.19 20.26
CA SER B 98 25.88 -13.36 19.21
C SER B 98 26.22 -11.97 19.77
N PHE B 99 25.88 -11.74 21.03
CA PHE B 99 26.16 -10.49 21.71
C PHE B 99 26.75 -10.76 23.07
N LYS B 100 27.84 -11.53 23.11
CA LYS B 100 28.42 -11.97 24.37
C LYS B 100 29.04 -10.82 25.18
N SER B 101 29.37 -9.72 24.52
CA SER B 101 29.96 -8.57 25.20
C SER B 101 28.91 -7.64 25.80
N PHE B 102 27.63 -7.94 25.55
CA PHE B 102 26.52 -7.12 26.03
C PHE B 102 25.89 -7.71 27.28
N LYS B 103 25.53 -6.84 28.22
CA LYS B 103 24.87 -7.26 29.46
C LYS B 103 23.36 -7.20 29.33
N TYR B 104 22.70 -8.36 29.40
CA TYR B 104 21.25 -8.44 29.29
C TYR B 104 20.58 -7.94 30.57
N VAL B 105 20.03 -6.74 30.51
CA VAL B 105 19.49 -6.07 31.69
C VAL B 105 18.00 -5.82 31.57
N MET B 106 17.26 -6.10 32.64
CA MET B 106 15.83 -5.83 32.66
C MET B 106 15.54 -4.32 32.68
N PRO B 107 14.39 -3.92 32.11
CA PRO B 107 13.97 -2.52 32.04
C PRO B 107 13.88 -1.87 33.41
N GLU B 108 13.74 -2.69 34.46
CA GLU B 108 13.59 -2.18 35.82
C GLU B 108 14.90 -1.76 36.47
N GLU B 109 16.01 -2.18 35.90
CA GLU B 109 17.32 -1.84 36.43
C GLU B 109 17.84 -0.57 35.77
N ASP B 110 18.76 0.11 36.45
CA ASP B 110 19.36 1.32 35.91
C ASP B 110 20.87 1.29 36.08
N LYS B 111 21.53 0.41 35.32
CA LYS B 111 22.97 0.25 35.41
C LYS B 111 23.70 0.97 34.27
N ASP B 112 24.85 1.56 34.58
CA ASP B 112 25.59 2.36 33.60
C ASP B 112 26.62 1.53 32.84
N PHE B 113 26.27 0.29 32.52
CA PHE B 113 27.14 -0.58 31.72
C PHE B 113 27.47 0.09 30.38
N ALA B 114 28.62 -0.26 29.83
CA ALA B 114 29.07 0.30 28.56
C ALA B 114 28.35 -0.34 27.38
N LEU B 115 27.92 -1.59 27.57
CA LEU B 115 27.19 -2.32 26.54
C LEU B 115 26.08 -3.15 27.18
N GLN B 116 24.84 -2.91 26.80
CA GLN B 116 23.74 -3.66 27.35
C GLN B 116 22.57 -3.82 26.38
N ILE B 117 21.74 -4.82 26.65
CA ILE B 117 20.52 -5.07 25.89
C ILE B 117 19.36 -5.08 26.87
N VAL B 118 18.26 -4.43 26.49
CA VAL B 118 17.08 -4.41 27.35
C VAL B 118 15.84 -4.86 26.59
N PRO B 119 15.19 -5.94 27.06
CA PRO B 119 13.94 -6.40 26.45
C PRO B 119 12.80 -5.46 26.84
N PHE B 120 12.17 -4.84 25.84
CA PHE B 120 11.09 -3.90 26.12
C PHE B 120 9.90 -4.12 25.20
N ASN B 121 9.62 -5.38 24.89
CA ASN B 121 8.41 -5.73 24.15
C ASN B 121 7.21 -5.84 25.10
N ASP B 122 7.37 -6.63 26.15
CA ASP B 122 6.39 -6.64 27.23
C ASP B 122 6.57 -5.34 27.99
N ARG B 123 5.71 -4.37 27.68
CA ARG B 123 6.03 -2.98 27.93
C ARG B 123 4.93 -2.28 28.72
N TYR B 124 3.79 -2.95 28.88
CA TYR B 124 2.66 -2.32 29.57
C TYR B 124 2.95 -2.07 31.05
N ASN B 125 2.68 -0.84 31.48
CA ASN B 125 2.85 -0.45 32.88
C ASN B 125 4.30 -0.57 33.37
N ARG B 126 5.21 -0.74 32.42
CA ARG B 126 6.63 -0.76 32.72
C ARG B 126 7.30 0.45 32.07
N THR B 127 8.51 0.77 32.51
CA THR B 127 9.24 1.89 31.94
C THR B 127 10.71 1.55 31.72
N ILE B 128 11.33 2.25 30.78
CA ILE B 128 12.75 2.08 30.52
C ILE B 128 13.45 3.40 30.87
N PRO B 129 14.63 3.30 31.49
CA PRO B 129 15.36 4.50 31.92
C PRO B 129 15.95 5.27 30.74
N VAL B 130 15.71 6.57 30.69
CA VAL B 130 16.23 7.40 29.60
C VAL B 130 17.04 8.57 30.15
N ALA B 131 18.33 8.59 29.84
CA ALA B 131 19.24 9.61 30.33
C ALA B 131 19.07 10.93 29.58
N LYS B 132 19.50 12.00 30.21
CA LYS B 132 19.49 13.31 29.58
C LYS B 132 20.16 13.28 28.22
N HIS B 133 21.24 12.50 28.11
CA HIS B 133 22.00 12.45 26.88
C HIS B 133 21.87 11.11 26.17
N ASP B 134 20.75 10.44 26.40
CA ASP B 134 20.39 9.26 25.64
C ASP B 134 19.98 9.66 24.24
N ILE B 135 20.68 9.12 23.26
CA ILE B 135 20.36 9.38 21.86
C ILE B 135 19.82 8.11 21.22
N PHE B 136 18.77 8.24 20.43
CA PHE B 136 18.10 7.07 19.88
C PHE B 136 18.34 6.85 18.39
N ILE B 137 18.48 5.58 18.02
CA ILE B 137 18.67 5.18 16.63
C ILE B 137 17.52 4.26 16.25
N ALA B 138 16.62 4.74 15.40
CA ALA B 138 15.43 3.99 15.03
C ALA B 138 15.63 3.15 13.77
N THR B 139 14.82 2.11 13.63
CA THR B 139 14.89 1.24 12.46
C THR B 139 13.51 1.10 11.85
N ALA B 140 12.70 0.19 12.39
CA ALA B 140 11.31 0.04 11.95
C ALA B 140 10.55 1.34 12.18
N TRP B 141 9.60 1.64 11.32
CA TRP B 141 8.89 2.90 11.41
C TRP B 141 8.31 3.12 12.81
N TRP B 142 7.92 2.03 13.47
CA TRP B 142 7.24 2.15 14.75
C TRP B 142 8.22 2.36 15.90
N THR B 143 9.48 1.99 15.68
CA THR B 143 10.54 2.28 16.63
C THR B 143 10.90 3.76 16.53
N ALA B 144 10.76 4.33 15.34
CA ALA B 144 10.97 5.75 15.12
C ALA B 144 9.79 6.55 15.69
N TYR B 145 8.60 5.99 15.53
CA TYR B 145 7.40 6.58 16.09
C TYR B 145 7.59 6.75 17.60
N ALA B 146 8.07 5.69 18.25
CA ALA B 146 8.34 5.73 19.69
C ALA B 146 9.44 6.73 20.03
N ALA B 147 10.56 6.64 19.31
CA ALA B 147 11.71 7.50 19.53
C ALA B 147 11.30 8.97 19.56
N GLN B 148 10.53 9.38 18.56
CA GLN B 148 10.16 10.78 18.42
C GLN B 148 9.32 11.23 19.62
N ARG B 149 8.51 10.33 20.16
CA ARG B 149 7.72 10.63 21.35
C ARG B 149 8.57 10.66 22.61
N ILE B 150 9.62 9.85 22.62
CA ILE B 150 10.57 9.85 23.74
C ILE B 150 11.35 11.15 23.79
N VAL B 151 11.78 11.65 22.62
CA VAL B 151 12.53 12.89 22.55
C VAL B 151 11.71 14.09 23.06
N SER B 152 10.40 14.02 22.89
CA SER B 152 9.51 15.04 23.43
C SER B 152 9.54 14.99 24.96
N TRP B 153 9.32 13.81 25.52
CA TRP B 153 9.35 13.61 26.96
C TRP B 153 10.72 13.96 27.53
N GLN B 154 11.77 13.50 26.86
CA GLN B 154 13.15 13.79 27.25
C GLN B 154 13.35 15.30 27.39
N SER B 155 12.99 16.03 26.33
CA SER B 155 13.12 17.47 26.28
C SER B 155 12.36 18.20 27.42
N ASP B 156 11.18 17.70 27.77
CA ASP B 156 10.35 18.34 28.79
C ASP B 156 10.82 18.02 30.20
N THR B 157 11.22 16.78 30.41
CA THR B 157 11.62 16.31 31.74
C THR B 157 12.97 16.88 32.16
N TYR B 158 13.85 17.08 31.18
CA TYR B 158 15.20 17.54 31.46
C TYR B 158 15.40 19.02 31.12
N GLY B 159 14.38 19.64 30.57
CA GLY B 159 14.47 21.04 30.17
C GLY B 159 15.62 21.29 29.22
N ILE B 160 15.69 20.51 28.15
CA ILE B 160 16.75 20.66 27.16
C ILE B 160 16.15 20.76 25.77
N PRO B 161 16.92 21.32 24.83
CA PRO B 161 16.52 21.26 23.41
C PRO B 161 16.40 19.81 22.97
N PRO B 162 15.45 19.51 22.08
CA PRO B 162 15.25 18.13 21.61
C PRO B 162 16.52 17.55 21.00
N ASN B 163 16.84 16.32 21.38
CA ASN B 163 18.01 15.63 20.83
C ASN B 163 17.77 15.15 19.39
N LYS B 164 18.83 15.13 18.60
CA LYS B 164 18.74 14.55 17.26
C LYS B 164 18.36 13.08 17.37
N ILE B 165 17.54 12.63 16.43
CA ILE B 165 17.24 11.21 16.31
C ILE B 165 17.97 10.69 15.08
N LEU B 166 18.47 9.46 15.17
CA LEU B 166 19.13 8.83 14.04
C LEU B 166 18.19 7.79 13.45
N TYR B 167 17.69 8.05 12.25
CA TYR B 167 16.69 7.19 11.62
C TYR B 167 17.32 6.39 10.48
N ILE B 168 17.50 5.09 10.70
CA ILE B 168 18.02 4.19 9.67
C ILE B 168 16.88 3.68 8.79
N ILE B 169 16.66 4.34 7.66
CA ILE B 169 15.52 4.07 6.81
C ILE B 169 15.82 2.97 5.79
N GLN B 170 15.25 1.79 6.02
CA GLN B 170 15.55 0.60 5.23
C GLN B 170 14.70 0.50 3.96
N ASP B 171 13.53 1.14 3.98
CA ASP B 171 12.59 1.09 2.87
C ASP B 171 11.54 2.18 3.10
N PHE B 172 10.70 2.42 2.11
CA PHE B 172 9.55 3.29 2.32
C PHE B 172 8.48 2.45 3.00
N GLU B 173 8.62 2.27 4.30
CA GLU B 173 7.85 1.27 5.04
C GLU B 173 6.33 1.40 4.99
N PRO B 174 5.80 2.62 4.77
CA PRO B 174 4.36 2.73 4.52
C PRO B 174 3.89 1.73 3.44
N GLY B 175 4.79 1.40 2.52
CA GLY B 175 4.46 0.46 1.46
C GLY B 175 4.19 -0.95 1.94
N PHE B 176 4.52 -1.23 3.19
CA PHE B 176 4.30 -2.56 3.77
C PHE B 176 2.83 -2.72 4.14
N TYR B 177 2.09 -1.64 3.98
CA TYR B 177 0.70 -1.60 4.39
C TYR B 177 -0.14 -1.06 3.24
N GLN B 178 -1.39 -1.50 3.15
CA GLN B 178 -2.33 -0.86 2.25
C GLN B 178 -2.68 0.47 2.88
N TRP B 179 -3.34 1.34 2.14
CA TRP B 179 -3.80 2.59 2.72
C TRP B 179 -4.60 2.30 3.98
N SER B 180 -4.14 2.85 5.10
CA SER B 180 -4.70 2.48 6.39
C SER B 180 -4.01 3.23 7.52
N SER B 181 -4.45 2.97 8.75
CA SER B 181 -3.86 3.61 9.91
C SER B 181 -2.34 3.42 9.90
N GLN B 182 -1.90 2.17 9.87
CA GLN B 182 -0.48 1.86 9.87
C GLN B 182 0.28 2.63 8.80
N TYR B 183 -0.34 2.83 7.64
CA TYR B 183 0.31 3.50 6.52
C TYR B 183 0.68 4.94 6.87
N VAL B 184 -0.30 5.68 7.37
CA VAL B 184 -0.09 7.10 7.67
C VAL B 184 0.80 7.30 8.89
N LEU B 185 0.67 6.42 9.89
CA LEU B 185 1.53 6.47 11.07
C LEU B 185 2.97 6.18 10.67
N ALA B 186 3.15 5.14 9.87
CA ALA B 186 4.47 4.82 9.35
C ALA B 186 5.03 6.04 8.62
N GLU B 187 4.23 6.62 7.74
CA GLU B 187 4.69 7.78 7.00
C GLU B 187 4.91 8.99 7.92
N SER B 188 4.05 9.15 8.92
CA SER B 188 4.14 10.32 9.79
C SER B 188 5.52 10.46 10.43
N THR B 189 6.21 9.33 10.59
CA THR B 189 7.57 9.35 11.13
C THR B 189 8.53 10.10 10.21
N TYR B 190 8.17 10.22 8.94
CA TYR B 190 8.99 10.97 7.99
C TYR B 190 8.64 12.45 8.00
N LYS B 191 7.47 12.75 8.54
CA LYS B 191 6.99 14.13 8.58
C LYS B 191 7.35 14.83 9.88
N TYR B 192 7.91 14.06 10.81
CA TYR B 192 8.40 14.57 12.08
C TYR B 192 9.24 15.84 11.85
N ARG B 193 8.88 16.92 12.52
CA ARG B 193 9.52 18.21 12.29
C ARG B 193 10.72 18.45 13.20
N GLY B 194 10.95 17.54 14.14
CA GLY B 194 12.08 17.65 15.03
C GLY B 194 13.40 17.32 14.36
N PRO B 195 14.51 17.45 15.10
CA PRO B 195 15.85 17.17 14.56
C PRO B 195 16.02 15.68 14.28
N GLN B 196 16.24 15.32 13.02
CA GLN B 196 16.34 13.93 12.64
C GLN B 196 17.35 13.76 11.51
N ILE B 197 18.22 12.77 11.68
CA ILE B 197 19.18 12.43 10.63
C ILE B 197 18.75 11.13 9.96
N ALA B 198 18.53 11.20 8.66
CA ALA B 198 18.11 10.04 7.91
C ALA B 198 19.32 9.33 7.31
N VAL B 199 19.42 8.03 7.57
CA VAL B 199 20.44 7.21 6.93
C VAL B 199 19.74 6.16 6.08
N PHE B 200 19.71 6.41 4.78
CA PHE B 200 18.97 5.56 3.84
C PHE B 200 19.75 4.34 3.40
N ASN B 201 19.05 3.23 3.26
CA ASN B 201 19.61 2.07 2.57
C ASN B 201 19.59 2.33 1.07
N SER B 202 20.76 2.69 0.53
CA SER B 202 20.94 2.98 -0.89
C SER B 202 20.61 4.42 -1.26
N GLU B 203 21.26 4.93 -2.30
CA GLU B 203 21.00 6.27 -2.79
C GLU B 203 19.64 6.34 -3.48
N LEU B 204 19.25 5.24 -4.12
CA LEU B 204 17.96 5.17 -4.79
C LEU B 204 16.83 5.53 -3.83
N LEU B 205 16.84 4.92 -2.66
CA LEU B 205 15.81 5.16 -1.66
C LEU B 205 15.81 6.62 -1.25
N LYS B 206 16.98 7.14 -0.90
CA LYS B 206 17.14 8.54 -0.56
C LYS B 206 16.45 9.44 -1.57
N GLN B 207 16.73 9.22 -2.85
CA GLN B 207 16.16 10.03 -3.91
C GLN B 207 14.64 9.90 -3.95
N TYR B 208 14.16 8.69 -3.74
CA TYR B 208 12.72 8.45 -3.69
C TYR B 208 12.08 9.37 -2.67
N PHE B 209 12.65 9.39 -1.47
CA PHE B 209 12.15 10.25 -0.40
C PHE B 209 12.19 11.72 -0.78
N ASN B 210 13.30 12.15 -1.40
CA ASN B 210 13.43 13.53 -1.84
C ASN B 210 12.33 13.94 -2.82
N ASN B 211 12.06 13.08 -3.79
CA ASN B 211 11.01 13.34 -4.77
C ASN B 211 9.64 13.48 -4.11
N LYS B 212 9.39 12.62 -3.11
CA LYS B 212 8.13 12.67 -2.36
C LYS B 212 8.10 13.88 -1.43
N GLY B 213 9.21 14.60 -1.34
CA GLY B 213 9.26 15.87 -0.64
C GLY B 213 9.61 15.81 0.84
N TYR B 214 10.05 14.65 1.32
CA TYR B 214 10.36 14.50 2.73
C TYR B 214 11.61 15.28 3.14
N ASN B 215 11.57 15.85 4.34
CA ASN B 215 12.68 16.66 4.85
C ASN B 215 13.28 16.09 6.12
N PHE B 216 14.61 16.15 6.21
CA PHE B 216 15.31 15.72 7.40
C PHE B 216 16.44 16.71 7.70
N THR B 217 16.84 16.80 8.96
CA THR B 217 17.92 17.69 9.35
C THR B 217 19.18 17.38 8.54
N ASP B 218 19.46 16.09 8.38
CA ASP B 218 20.59 15.65 7.57
C ASP B 218 20.25 14.35 6.88
N GLU B 219 20.82 14.13 5.70
CA GLU B 219 20.56 12.91 4.94
C GLU B 219 21.85 12.19 4.59
N TYR B 220 21.94 10.93 5.00
CA TYR B 220 23.05 10.07 4.62
C TYR B 220 22.49 8.81 4.01
N PHE B 221 23.33 8.08 3.30
CA PHE B 221 22.92 6.82 2.70
C PHE B 221 24.12 5.89 2.56
N PHE B 222 23.86 4.59 2.64
CA PHE B 222 24.90 3.60 2.39
C PHE B 222 24.51 2.76 1.20
N GLN B 223 25.43 2.59 0.27
CA GLN B 223 25.16 1.83 -0.95
C GLN B 223 25.23 0.32 -0.74
N PRO B 224 24.59 -0.44 -1.64
CA PRO B 224 24.67 -1.91 -1.61
C PRO B 224 26.10 -2.38 -1.87
N LYS B 225 26.54 -3.38 -1.12
CA LYS B 225 27.88 -3.93 -1.31
C LYS B 225 27.83 -5.45 -1.30
N ILE B 226 28.43 -6.05 -2.32
CA ILE B 226 28.44 -7.51 -2.47
C ILE B 226 28.84 -8.22 -1.18
N ASN B 227 28.06 -9.24 -0.83
CA ASN B 227 28.41 -10.12 0.28
C ASN B 227 29.85 -10.60 0.14
N THR B 228 30.61 -10.51 1.23
CA THR B 228 32.04 -10.83 1.19
C THR B 228 32.31 -12.26 0.75
N THR B 229 31.57 -13.21 1.32
CA THR B 229 31.72 -14.62 0.94
C THR B 229 31.47 -14.85 -0.55
N LEU B 230 30.43 -14.20 -1.08
CA LEU B 230 30.12 -14.35 -2.50
C LEU B 230 31.25 -13.83 -3.39
N LYS B 231 31.84 -12.70 -3.01
CA LYS B 231 32.90 -12.12 -3.82
C LYS B 231 34.02 -13.12 -4.03
N ASN B 232 34.20 -14.02 -3.07
CA ASN B 232 35.25 -15.03 -3.13
C ASN B 232 35.05 -16.03 -4.26
N TYR B 233 33.83 -16.09 -4.80
CA TYR B 233 33.51 -17.02 -5.87
C TYR B 233 33.34 -16.35 -7.23
N ILE B 234 33.22 -15.03 -7.22
CA ILE B 234 32.87 -14.27 -8.42
C ILE B 234 33.86 -14.46 -9.58
N ASN B 235 35.01 -15.05 -9.30
CA ASN B 235 36.03 -15.25 -10.32
C ASN B 235 36.18 -16.69 -10.79
N ASP B 236 35.50 -17.61 -10.09
CA ASP B 236 35.51 -19.02 -10.50
C ASP B 236 34.98 -19.19 -11.92
N LYS B 237 35.45 -20.23 -12.61
CA LYS B 237 34.97 -20.55 -13.95
C LYS B 237 33.57 -21.13 -13.85
N ARG B 238 32.66 -20.56 -14.63
CA ARG B 238 31.25 -20.96 -14.57
C ARG B 238 30.85 -21.82 -15.76
N GLN B 239 30.36 -23.02 -15.48
CA GLN B 239 29.83 -23.88 -16.54
C GLN B 239 28.31 -23.74 -16.59
N LYS B 240 27.84 -22.79 -17.40
CA LYS B 240 26.41 -22.46 -17.43
C LYS B 240 25.54 -23.62 -17.90
N GLU B 241 24.49 -23.88 -17.13
CA GLU B 241 23.48 -24.87 -17.50
C GLU B 241 22.19 -24.14 -17.85
N LYS B 242 21.20 -24.87 -18.34
CA LYS B 242 19.90 -24.28 -18.62
C LYS B 242 19.03 -24.24 -17.37
N ILE B 243 19.32 -23.28 -16.50
CA ILE B 243 18.61 -23.14 -15.23
C ILE B 243 18.01 -21.75 -15.08
N ILE B 244 16.70 -21.71 -14.82
CA ILE B 244 16.04 -20.46 -14.49
C ILE B 244 15.94 -20.37 -12.97
N LEU B 245 16.69 -19.43 -12.39
CA LEU B 245 16.75 -19.29 -10.94
C LEU B 245 15.77 -18.22 -10.47
N VAL B 246 14.82 -18.64 -9.64
CA VAL B 246 13.80 -17.73 -9.13
C VAL B 246 14.05 -17.37 -7.68
N TYR B 247 14.02 -16.07 -7.38
CA TYR B 247 14.09 -15.63 -5.99
C TYR B 247 12.70 -15.66 -5.39
N GLY B 248 12.33 -16.79 -4.81
CA GLY B 248 10.97 -16.99 -4.33
C GLY B 248 10.80 -16.90 -2.83
N ARG B 249 10.00 -15.93 -2.40
CA ARG B 249 9.65 -15.83 -0.99
C ARG B 249 8.18 -15.50 -0.83
N PRO B 250 7.35 -16.55 -0.71
CA PRO B 250 5.90 -16.41 -0.54
C PRO B 250 5.54 -15.46 0.60
N SER B 251 6.35 -15.46 1.66
CA SER B 251 6.05 -14.66 2.84
C SER B 251 6.22 -13.16 2.60
N VAL B 252 7.17 -12.80 1.75
CA VAL B 252 7.49 -11.38 1.55
C VAL B 252 6.83 -10.80 0.29
N LYS B 253 5.60 -10.34 0.46
CA LYS B 253 4.79 -9.79 -0.64
C LYS B 253 5.59 -8.90 -1.61
N ARG B 254 6.48 -8.07 -1.06
CA ARG B 254 7.33 -7.21 -1.89
C ARG B 254 8.02 -7.99 -3.02
N ASN B 255 8.12 -9.31 -2.84
CA ASN B 255 8.85 -10.17 -3.77
C ASN B 255 7.96 -10.84 -4.82
N ALA B 256 6.66 -10.55 -4.76
CA ALA B 256 5.71 -10.96 -5.78
C ALA B 256 5.84 -12.42 -6.20
N PHE B 257 5.96 -13.31 -5.22
CA PHE B 257 6.04 -14.73 -5.51
C PHE B 257 4.94 -15.22 -6.44
N THR B 258 3.69 -14.91 -6.10
CA THR B 258 2.54 -15.39 -6.89
C THR B 258 2.57 -14.88 -8.32
N LEU B 259 2.96 -13.62 -8.49
CA LEU B 259 3.10 -13.04 -9.82
C LEU B 259 4.11 -13.82 -10.66
N ILE B 260 5.22 -14.18 -10.02
CA ILE B 260 6.26 -14.96 -10.67
C ILE B 260 5.75 -16.34 -11.06
N VAL B 261 5.03 -16.98 -10.15
CA VAL B 261 4.48 -18.31 -10.42
C VAL B 261 3.52 -18.26 -11.61
N GLU B 262 2.70 -17.22 -11.66
CA GLU B 262 1.79 -17.06 -12.79
C GLU B 262 2.53 -16.95 -14.12
N ALA B 263 3.55 -16.10 -14.15
CA ALA B 263 4.32 -15.90 -15.37
C ALA B 263 4.99 -17.21 -15.79
N LEU B 264 5.44 -17.96 -14.79
CA LEU B 264 6.08 -19.25 -15.04
C LEU B 264 5.12 -20.22 -15.72
N LYS B 265 3.91 -20.33 -15.18
CA LYS B 265 2.87 -21.17 -15.77
C LYS B 265 2.67 -20.86 -17.25
N ILE B 266 2.57 -19.57 -17.57
CA ILE B 266 2.44 -19.13 -18.96
C ILE B 266 3.66 -19.54 -19.77
N PHE B 267 4.85 -19.30 -19.23
CA PHE B 267 6.09 -19.65 -19.91
C PHE B 267 6.13 -21.12 -20.32
N VAL B 268 5.86 -22.00 -19.37
CA VAL B 268 5.83 -23.44 -19.63
C VAL B 268 4.87 -23.79 -20.76
N GLN B 269 3.77 -23.05 -20.84
CA GLN B 269 2.74 -23.33 -21.84
C GLN B 269 3.09 -22.75 -23.21
N LYS B 270 3.53 -21.50 -23.24
CA LYS B 270 3.75 -20.80 -24.50
C LYS B 270 5.17 -20.95 -25.05
N TYR B 271 5.96 -21.82 -24.42
CA TYR B 271 7.31 -22.08 -24.92
C TYR B 271 7.51 -23.57 -25.09
N ASP B 272 7.79 -23.97 -26.33
CA ASP B 272 7.88 -25.38 -26.67
C ASP B 272 9.18 -25.99 -26.19
N ARG B 273 10.20 -25.16 -26.04
CA ARG B 273 11.49 -25.61 -25.54
C ARG B 273 11.59 -25.50 -24.01
N SER B 274 10.44 -25.35 -23.35
CA SER B 274 10.42 -25.21 -21.89
C SER B 274 10.94 -26.46 -21.19
N ASN B 275 10.60 -27.63 -21.74
CA ASN B 275 11.05 -28.90 -21.16
C ASN B 275 12.55 -29.00 -20.98
N GLU B 276 13.28 -28.15 -21.69
CA GLU B 276 14.75 -28.17 -21.66
C GLU B 276 15.28 -27.53 -20.40
N TRP B 277 14.47 -26.69 -19.76
CA TRP B 277 14.95 -25.89 -18.63
C TRP B 277 14.57 -26.44 -17.27
N LYS B 278 15.46 -26.25 -16.31
CA LYS B 278 15.15 -26.52 -14.92
C LYS B 278 14.83 -25.19 -14.24
N ILE B 279 13.71 -25.15 -13.52
CA ILE B 279 13.33 -23.93 -12.82
C ILE B 279 13.46 -24.14 -11.31
N ILE B 280 14.34 -23.35 -10.70
CA ILE B 280 14.66 -23.53 -9.29
C ILE B 280 14.34 -22.29 -8.47
N SER B 281 13.76 -22.51 -7.30
CA SER B 281 13.45 -21.41 -6.39
C SER B 281 14.37 -21.42 -5.17
N VAL B 282 15.00 -20.27 -4.91
CA VAL B 282 15.81 -20.10 -3.72
C VAL B 282 15.32 -18.87 -2.95
N GLY B 283 15.70 -18.78 -1.68
CA GLY B 283 15.31 -17.65 -0.86
C GLY B 283 14.57 -18.04 0.40
N GLU B 284 13.49 -18.79 0.21
CA GLU B 284 12.67 -19.22 1.33
C GLU B 284 12.00 -20.54 0.98
N LYS B 285 12.13 -21.52 1.86
CA LYS B 285 11.57 -22.84 1.58
C LYS B 285 10.07 -22.77 1.34
N HIS B 286 9.62 -23.46 0.30
CA HIS B 286 8.20 -23.64 0.06
C HIS B 286 7.91 -24.97 -0.64
N LYS B 287 6.64 -25.35 -0.67
CA LYS B 287 6.20 -26.57 -1.34
C LYS B 287 6.57 -26.46 -2.83
N ASP B 288 6.92 -27.59 -3.44
CA ASP B 288 7.20 -27.59 -4.87
C ASP B 288 5.91 -27.33 -5.64
N ILE B 289 6.00 -26.48 -6.67
CA ILE B 289 4.81 -25.97 -7.35
C ILE B 289 4.74 -26.40 -8.81
N ALA B 290 3.66 -27.07 -9.17
CA ALA B 290 3.47 -27.53 -10.55
C ALA B 290 3.17 -26.39 -11.49
N LEU B 291 3.87 -26.33 -12.62
CA LEU B 291 3.67 -25.27 -13.59
C LEU B 291 3.00 -25.78 -14.87
N GLY B 292 2.76 -27.08 -14.91
CA GLY B 292 2.19 -27.71 -16.09
C GLY B 292 3.22 -28.50 -16.87
N LYS B 293 2.75 -29.43 -17.69
CA LYS B 293 3.62 -30.29 -18.49
C LYS B 293 4.59 -31.09 -17.61
N GLY B 294 4.18 -31.35 -16.38
CA GLY B 294 4.99 -32.14 -15.46
C GLY B 294 6.17 -31.38 -14.89
N ILE B 295 6.35 -30.14 -15.34
CA ILE B 295 7.44 -29.30 -14.87
C ILE B 295 7.11 -28.65 -13.51
N HIS B 296 8.10 -28.62 -12.62
CA HIS B 296 7.90 -28.08 -11.28
C HIS B 296 8.87 -26.95 -10.93
N LEU B 297 8.39 -26.00 -10.14
CA LEU B 297 9.27 -25.03 -9.51
C LEU B 297 9.75 -25.66 -8.21
N ASN B 298 11.02 -26.06 -8.18
CA ASN B 298 11.57 -26.77 -7.03
C ASN B 298 12.25 -25.80 -6.07
N SER B 299 11.88 -25.88 -4.80
CA SER B 299 12.41 -24.97 -3.79
C SER B 299 13.65 -25.54 -3.13
N LEU B 300 14.70 -24.74 -3.05
CA LEU B 300 15.90 -25.14 -2.33
C LEU B 300 15.96 -24.44 -0.98
N GLY B 301 15.03 -23.50 -0.76
CA GLY B 301 15.00 -22.73 0.47
C GLY B 301 16.10 -21.69 0.51
N LYS B 302 16.65 -21.45 1.70
CA LYS B 302 17.80 -20.57 1.84
C LYS B 302 19.08 -21.40 1.79
N LEU B 303 19.74 -21.40 0.64
CA LEU B 303 21.00 -22.12 0.49
C LEU B 303 22.10 -21.44 1.30
N THR B 304 23.08 -22.23 1.74
CA THR B 304 24.27 -21.64 2.34
C THR B 304 24.89 -20.70 1.33
N LEU B 305 25.60 -19.68 1.80
CA LEU B 305 26.25 -18.74 0.92
C LEU B 305 27.12 -19.47 -0.13
N GLU B 306 27.70 -20.59 0.27
CA GLU B 306 28.55 -21.37 -0.62
C GLU B 306 27.71 -22.07 -1.69
N ASP B 307 26.70 -22.81 -1.26
CA ASP B 307 25.79 -23.48 -2.18
C ASP B 307 25.13 -22.48 -3.12
N TYR B 308 24.65 -21.38 -2.56
CA TYR B 308 24.07 -20.30 -3.34
C TYR B 308 25.05 -19.84 -4.42
N ALA B 309 26.30 -19.63 -4.02
CA ALA B 309 27.33 -19.18 -4.95
C ALA B 309 27.52 -20.19 -6.08
N ASP B 310 27.54 -21.47 -5.73
CA ASP B 310 27.68 -22.53 -6.71
C ASP B 310 26.54 -22.53 -7.71
N LEU B 311 25.31 -22.49 -7.19
CA LEU B 311 24.12 -22.48 -8.03
C LEU B 311 24.14 -21.28 -8.97
N LEU B 312 24.57 -20.14 -8.45
CA LEU B 312 24.66 -18.93 -9.25
C LEU B 312 25.58 -19.11 -10.45
N LYS B 313 26.71 -19.79 -10.24
CA LYS B 313 27.67 -20.01 -11.31
C LYS B 313 27.07 -20.88 -12.43
N ARG B 314 26.26 -21.86 -12.04
CA ARG B 314 25.68 -22.79 -13.00
C ARG B 314 24.42 -22.24 -13.68
N SER B 315 23.77 -21.28 -13.03
CA SER B 315 22.51 -20.73 -13.54
C SER B 315 22.71 -19.62 -14.57
N SER B 316 21.79 -19.52 -15.52
CA SER B 316 21.93 -18.59 -16.64
C SER B 316 20.82 -17.53 -16.72
N ILE B 317 19.63 -17.88 -16.25
CA ILE B 317 18.54 -16.91 -16.20
C ILE B 317 18.03 -16.73 -14.78
N GLY B 318 17.77 -15.47 -14.40
CA GLY B 318 17.29 -15.17 -13.07
C GLY B 318 16.06 -14.28 -13.06
N ILE B 319 15.10 -14.62 -12.20
CA ILE B 319 13.95 -13.77 -11.95
C ILE B 319 13.92 -13.37 -10.48
N SER B 320 13.96 -12.08 -10.22
CA SER B 320 13.92 -11.56 -8.84
C SER B 320 13.24 -10.21 -8.81
N LEU B 321 12.14 -10.13 -8.06
CA LEU B 321 11.32 -8.92 -8.02
C LEU B 321 11.30 -8.26 -6.64
N MET B 322 11.37 -6.94 -6.64
CA MET B 322 11.27 -6.14 -5.42
C MET B 322 10.36 -4.95 -5.68
N ILE B 323 9.10 -5.06 -5.28
CA ILE B 323 8.17 -3.96 -5.44
C ILE B 323 8.46 -2.87 -4.40
N SER B 324 9.39 -1.99 -4.73
CA SER B 324 9.88 -0.98 -3.81
C SER B 324 10.94 -0.17 -4.52
N PRO B 325 11.09 1.11 -4.14
CA PRO B 325 12.09 1.94 -4.83
C PRO B 325 13.50 1.50 -4.49
N HIS B 326 13.67 0.77 -3.40
CA HIS B 326 15.01 0.39 -2.96
C HIS B 326 15.50 -0.85 -3.70
N PRO B 327 16.79 -0.90 -4.00
CA PRO B 327 17.39 -2.05 -4.69
C PRO B 327 17.47 -3.22 -3.74
N SER B 328 17.26 -4.43 -4.24
CA SER B 328 17.49 -5.61 -3.44
C SER B 328 18.81 -6.25 -3.88
N TYR B 329 19.26 -7.26 -3.15
CA TYR B 329 20.57 -7.87 -3.45
C TYR B 329 20.55 -8.93 -4.56
N PRO B 330 19.59 -9.86 -4.50
CA PRO B 330 19.58 -10.98 -5.45
C PRO B 330 19.73 -10.58 -6.93
N PRO B 331 19.02 -9.53 -7.38
CA PRO B 331 19.16 -9.15 -8.79
C PRO B 331 20.61 -8.76 -9.10
N LEU B 332 21.27 -8.14 -8.14
CA LEU B 332 22.65 -7.69 -8.33
C LEU B 332 23.61 -8.86 -8.30
N GLU B 333 23.38 -9.78 -7.36
CA GLU B 333 24.20 -10.96 -7.23
C GLU B 333 24.12 -11.83 -8.50
N MET B 334 22.89 -12.09 -8.94
CA MET B 334 22.69 -12.87 -10.15
C MET B 334 23.42 -12.25 -11.33
N ALA B 335 23.24 -10.94 -11.51
CA ALA B 335 23.85 -10.23 -12.63
C ALA B 335 25.37 -10.35 -12.60
N HIS B 336 25.96 -10.21 -11.42
CA HIS B 336 27.41 -10.28 -11.28
C HIS B 336 27.96 -11.70 -11.35
N PHE B 337 27.07 -12.67 -11.49
CA PHE B 337 27.48 -14.05 -11.69
C PHE B 337 27.11 -14.53 -13.09
N GLY B 338 26.85 -13.57 -13.98
CA GLY B 338 26.64 -13.87 -15.38
C GLY B 338 25.25 -14.36 -15.75
N LEU B 339 24.28 -14.11 -14.87
CA LEU B 339 22.89 -14.43 -15.19
C LEU B 339 22.23 -13.27 -15.90
N ARG B 340 21.35 -13.57 -16.84
CA ARG B 340 20.43 -12.57 -17.37
C ARG B 340 19.29 -12.49 -16.37
N VAL B 341 19.10 -11.33 -15.76
CA VAL B 341 18.14 -11.19 -14.68
C VAL B 341 16.91 -10.41 -15.11
N ILE B 342 15.75 -11.02 -14.94
CA ILE B 342 14.48 -10.34 -15.12
C ILE B 342 14.08 -9.70 -13.80
N THR B 343 13.87 -8.39 -13.80
CA THR B 343 13.49 -7.70 -12.59
C THR B 343 12.51 -6.58 -12.90
N ASN B 344 11.91 -6.02 -11.86
CA ASN B 344 10.91 -4.98 -12.04
C ASN B 344 11.50 -3.59 -11.87
N LYS B 345 10.94 -2.65 -12.62
CA LYS B 345 11.24 -1.24 -12.41
C LYS B 345 10.28 -0.72 -11.34
N TYR B 346 10.75 0.20 -10.50
CA TYR B 346 9.84 0.88 -9.57
C TYR B 346 10.17 2.37 -9.44
N GLU B 347 9.32 3.21 -10.04
CA GLU B 347 9.56 4.64 -10.07
C GLU B 347 11.00 4.93 -10.51
N ASN B 348 11.82 5.47 -9.61
CA ASN B 348 13.18 5.84 -9.97
C ASN B 348 14.15 4.66 -10.08
N LYS B 349 13.81 3.53 -9.46
CA LYS B 349 14.65 2.33 -9.57
C LYS B 349 14.50 1.68 -10.93
N ASP B 350 15.60 1.65 -11.68
CA ASP B 350 15.65 0.98 -12.98
C ASP B 350 17.00 0.28 -13.12
N LEU B 351 17.09 -0.94 -12.62
CA LEU B 351 18.37 -1.64 -12.52
C LEU B 351 19.04 -1.94 -13.86
N SER B 352 18.30 -1.77 -14.95
CA SER B 352 18.85 -2.07 -16.27
C SER B 352 19.97 -1.11 -16.62
N ASN B 353 20.12 -0.06 -15.80
CA ASN B 353 21.18 0.93 -15.98
C ASN B 353 22.37 0.62 -15.09
N TRP B 354 22.18 -0.30 -14.15
CA TRP B 354 23.23 -0.70 -13.23
C TRP B 354 24.16 -1.73 -13.86
N HIS B 355 23.58 -2.65 -14.62
CA HIS B 355 24.34 -3.76 -15.19
C HIS B 355 23.66 -4.27 -16.45
N SER B 356 24.47 -4.60 -17.46
CA SER B 356 23.93 -4.99 -18.76
C SER B 356 23.10 -6.27 -18.71
N ASN B 357 23.40 -7.15 -17.76
CA ASN B 357 22.70 -8.41 -17.61
C ASN B 357 21.27 -8.28 -17.07
N ILE B 358 20.99 -7.13 -16.46
CA ILE B 358 19.68 -6.89 -15.88
C ILE B 358 18.70 -6.35 -16.91
N VAL B 359 17.51 -6.94 -16.98
CA VAL B 359 16.43 -6.40 -17.77
C VAL B 359 15.27 -6.00 -16.86
N SER B 360 14.85 -4.74 -16.98
CA SER B 360 13.78 -4.19 -16.16
C SER B 360 12.50 -4.07 -16.95
N LEU B 361 11.44 -4.71 -16.47
CA LEU B 361 10.14 -4.61 -17.11
C LEU B 361 9.36 -3.39 -16.61
N GLU B 362 8.87 -2.58 -17.56
CA GLU B 362 8.06 -1.41 -17.24
C GLU B 362 6.61 -1.83 -16.99
N GLN B 363 6.08 -2.66 -17.88
CA GLN B 363 4.74 -3.22 -17.73
C GLN B 363 4.86 -4.57 -17.03
N LEU B 364 4.47 -4.61 -15.77
CA LEU B 364 4.73 -5.80 -14.96
C LEU B 364 3.51 -6.73 -14.81
N ASN B 365 3.41 -7.71 -15.70
CA ASN B 365 2.37 -8.73 -15.62
C ASN B 365 2.94 -10.10 -16.00
N PRO B 366 2.17 -11.18 -15.79
CA PRO B 366 2.70 -12.52 -16.08
C PRO B 366 3.08 -12.68 -17.55
N GLU B 367 2.24 -12.17 -18.44
CA GLU B 367 2.47 -12.27 -19.88
C GLU B 367 3.82 -11.70 -20.27
N ASN B 368 4.11 -10.50 -19.78
CA ASN B 368 5.35 -9.82 -20.14
C ASN B 368 6.59 -10.48 -19.56
N ILE B 369 6.47 -11.02 -18.36
CA ILE B 369 7.56 -11.78 -17.77
C ILE B 369 7.78 -13.05 -18.58
N ALA B 370 6.70 -13.77 -18.84
CA ALA B 370 6.77 -15.02 -19.59
C ALA B 370 7.42 -14.79 -20.95
N GLU B 371 7.10 -13.66 -21.58
CA GLU B 371 7.64 -13.34 -22.89
C GLU B 371 9.14 -13.08 -22.80
N THR B 372 9.53 -12.20 -21.89
CA THR B 372 10.94 -11.88 -21.67
C THR B 372 11.70 -13.17 -21.36
N LEU B 373 11.05 -14.04 -20.61
CA LEU B 373 11.64 -15.32 -20.24
C LEU B 373 11.90 -16.20 -21.48
N VAL B 374 11.01 -16.10 -22.46
CA VAL B 374 11.19 -16.81 -23.73
C VAL B 374 12.35 -16.21 -24.51
N GLU B 375 12.36 -14.88 -24.63
CA GLU B 375 13.42 -14.19 -25.36
C GLU B 375 14.80 -14.52 -24.80
N LEU B 376 14.90 -14.60 -23.48
CA LEU B 376 16.18 -14.88 -22.83
C LEU B 376 16.62 -16.31 -23.07
N CYS B 377 15.69 -17.26 -22.97
CA CYS B 377 16.00 -18.65 -23.26
C CYS B 377 16.54 -18.79 -24.68
N MET B 378 15.87 -18.16 -25.64
CA MET B 378 16.32 -18.18 -27.02
C MET B 378 17.68 -17.51 -27.15
N SER B 379 17.94 -16.54 -26.29
CA SER B 379 19.20 -15.80 -26.30
C SER B 379 20.34 -16.69 -25.83
N PHE B 380 20.03 -17.66 -24.98
CA PHE B 380 21.01 -18.58 -24.43
C PHE B 380 21.65 -19.44 -25.52
N ASN B 381 21.03 -19.45 -26.70
CA ASN B 381 21.54 -20.23 -27.83
C ASN B 381 21.63 -21.72 -27.50
N GLU B 389 29.00 -8.08 -18.66
CA GLU B 389 29.55 -7.38 -19.82
C GLU B 389 29.82 -5.91 -19.49
N SER B 390 28.77 -5.18 -19.12
CA SER B 390 28.90 -3.77 -18.77
C SER B 390 28.27 -3.45 -17.41
N SER B 391 29.01 -2.72 -16.58
CA SER B 391 28.55 -2.36 -15.24
C SER B 391 28.68 -0.86 -15.01
N ASN B 392 27.64 -0.26 -14.44
CA ASN B 392 27.69 1.15 -14.02
C ASN B 392 27.49 1.26 -12.51
N MET B 393 27.75 0.16 -11.82
CA MET B 393 27.60 0.08 -10.37
C MET B 393 28.89 -0.46 -9.78
N MET B 394 30.01 0.06 -10.26
CA MET B 394 31.32 -0.39 -9.81
C MET B 394 31.41 -0.52 -8.30
N PHE B 395 30.80 0.44 -7.59
CA PHE B 395 30.83 0.47 -6.14
C PHE B 395 30.41 -0.86 -5.51
N TYR B 396 29.50 -1.58 -6.16
CA TYR B 396 28.96 -2.82 -5.60
C TYR B 396 30.06 -3.81 -5.22
N ILE B 397 31.14 -3.84 -5.99
CA ILE B 397 32.28 -4.71 -5.69
C ILE B 397 33.47 -3.87 -5.23
N ASN B 398 33.35 -3.30 -4.03
CA ASN B 398 34.33 -2.35 -3.50
C ASN B 398 34.76 -1.32 -4.52
N GLU B 402 32.70 1.46 3.92
CA GLU B 402 31.32 1.57 3.48
C GLU B 402 30.53 2.58 4.31
N PHE B 403 30.61 2.44 5.62
CA PHE B 403 29.94 3.36 6.53
C PHE B 403 30.87 4.51 6.92
N SER B 404 31.47 5.13 5.91
CA SER B 404 32.40 6.23 6.11
C SER B 404 31.77 7.40 6.85
N PHE B 405 30.46 7.58 6.65
CA PHE B 405 29.75 8.72 7.22
C PHE B 405 29.63 8.65 8.74
N ILE B 406 29.65 7.44 9.29
CA ILE B 406 29.48 7.25 10.72
C ILE B 406 30.29 8.25 11.54
N LYS B 407 31.57 8.35 11.23
CA LYS B 407 32.45 9.26 11.96
C LYS B 407 31.91 10.69 11.92
N GLU B 408 31.52 11.13 10.72
CA GLU B 408 30.96 12.46 10.55
C GLU B 408 29.66 12.63 11.35
N ILE B 409 28.82 11.60 11.33
CA ILE B 409 27.58 11.62 12.10
C ILE B 409 27.86 11.71 13.60
N GLU B 410 28.89 11.00 14.06
CA GLU B 410 29.24 10.99 15.47
C GLU B 410 29.49 12.40 15.99
N GLU B 411 29.99 13.27 15.13
CA GLU B 411 30.36 14.64 15.50
C GLU B 411 29.17 15.58 15.59
N LYS B 412 27.96 15.06 15.36
CA LYS B 412 26.77 15.88 15.41
C LYS B 412 25.89 15.53 16.60
N LEU B 413 26.35 14.59 17.42
CA LEU B 413 25.53 14.10 18.53
C LEU B 413 26.20 14.35 19.89
PA TYD C . -21.02 5.00 1.13
O1A TYD C . -21.70 3.74 1.60
O2A TYD C . -21.39 5.58 -0.22
O3A TYD C . -19.43 4.77 1.15
PB TYD C . -18.80 3.80 0.04
O1B TYD C . -19.35 2.44 0.44
O2B TYD C . -19.33 4.33 -1.27
O3B TYD C . -17.30 3.96 0.19
O5' TYD C . -21.23 6.12 2.26
C5' TYD C . -21.27 7.50 1.92
C4' TYD C . -22.66 7.97 1.47
O4' TYD C . -23.73 7.20 2.04
C3' TYD C . -22.87 9.40 1.94
O3' TYD C . -22.57 10.29 0.87
C2' TYD C . -24.33 9.49 2.31
C1' TYD C . -24.73 8.06 2.60
N1 TYD C . -24.85 7.84 4.05
C2 TYD C . -26.07 7.38 4.59
O2 TYD C . -27.03 7.15 3.84
N3 TYD C . -26.20 7.16 5.92
C4 TYD C . -25.21 7.39 6.76
O4 TYD C . -25.35 7.20 7.98
C5 TYD C . -23.92 7.89 6.22
C5M TYD C . -22.77 8.15 7.14
C6 TYD C . -23.81 8.08 4.85
C1 GOL D . -15.73 17.05 -17.39
O1 GOL D . -15.87 18.17 -16.53
C2 GOL D . -14.44 17.14 -18.21
O2 GOL D . -13.84 15.87 -18.21
C3 GOL D . -14.72 17.56 -19.66
O3 GOL D . -13.48 17.86 -20.28
C1 GOL E . 2.17 6.23 -4.12
O1 GOL E . 2.83 7.12 -3.23
C2 GOL E . 2.27 4.83 -3.51
O2 GOL E . 1.04 4.15 -3.57
C3 GOL E . 2.65 5.02 -2.06
O3 GOL E . 3.21 3.80 -1.62
PA TYD F . 17.70 -12.06 2.61
O1A TYD F . 16.93 -13.30 3.02
O2A TYD F . 18.70 -11.46 3.57
O3A TYD F . 16.63 -10.94 2.20
PB TYD F . 16.28 -9.77 3.24
O1B TYD F . 15.86 -10.54 4.48
O2B TYD F . 17.58 -9.01 3.34
O3B TYD F . 15.19 -8.98 2.55
O5' TYD F . 18.42 -12.33 1.19
C5' TYD F . 19.40 -11.42 0.66
C4' TYD F . 20.80 -11.98 0.91
O4' TYD F . 20.76 -13.35 1.32
C3' TYD F . 21.70 -11.88 -0.31
O3' TYD F . 22.67 -10.82 -0.15
C2' TYD F . 22.41 -13.23 -0.41
C1' TYD F . 21.84 -14.08 0.72
N1 TYD F . 21.31 -15.38 0.30
C2 TYD F . 21.82 -16.56 0.90
O2 TYD F . 22.73 -16.45 1.75
N3 TYD F . 21.36 -17.77 0.58
C4 TYD F . 20.40 -17.91 -0.32
O4 TYD F . 19.97 -19.03 -0.63
C5 TYD F . 19.82 -16.70 -0.97
C5M TYD F . 18.72 -16.85 -1.99
C6 TYD F . 20.32 -15.45 -0.60
C1 GOL G . -0.43 2.50 -0.86
O1 GOL G . -0.62 3.05 -2.15
C2 GOL G . 0.46 1.26 -0.91
O2 GOL G . -0.08 0.25 -0.08
C3 GOL G . 1.84 1.62 -0.36
O3 GOL G . 2.84 0.81 -0.93
#